data_1XAM
# 
_entry.id   1XAM 
# 
_audit_conform.dict_name       mmcif_pdbx.dic 
_audit_conform.dict_version    5.389 
_audit_conform.dict_location   http://mmcif.pdb.org/dictionaries/ascii/mmcif_pdbx.dic 
# 
loop_
_database_2.database_id 
_database_2.database_code 
_database_2.pdbx_database_accession 
_database_2.pdbx_DOI 
PDB   1XAM         pdb_00001xam 10.2210/pdb1xam/pdb 
NDB   ZD0014       ?            ?                   
RCSB  RCSB030144   ?            ?                   
WWPDB D_1000030144 ?            ?                   
# 
loop_
_pdbx_audit_revision_history.ordinal 
_pdbx_audit_revision_history.data_content_type 
_pdbx_audit_revision_history.major_revision 
_pdbx_audit_revision_history.minor_revision 
_pdbx_audit_revision_history.revision_date 
1 'Structure model' 1 0 2004-11-16 
2 'Structure model' 1 1 2008-04-30 
3 'Structure model' 1 2 2011-07-13 
4 'Structure model' 1 3 2017-10-11 
5 'Structure model' 1 4 2024-02-14 
6 'Structure model' 1 5 2024-04-03 
# 
_pdbx_audit_revision_details.ordinal             1 
_pdbx_audit_revision_details.revision_ordinal    1 
_pdbx_audit_revision_details.data_content_type   'Structure model' 
_pdbx_audit_revision_details.provider            repository 
_pdbx_audit_revision_details.type                'Initial release' 
_pdbx_audit_revision_details.description         ? 
_pdbx_audit_revision_details.details             ? 
# 
loop_
_pdbx_audit_revision_group.ordinal 
_pdbx_audit_revision_group.revision_ordinal 
_pdbx_audit_revision_group.data_content_type 
_pdbx_audit_revision_group.group 
1 2 'Structure model' 'Version format compliance' 
2 3 'Structure model' 'Version format compliance' 
3 4 'Structure model' 'Refinement description'    
4 5 'Structure model' 'Data collection'           
5 5 'Structure model' 'Database references'       
6 5 'Structure model' 'Derived calculations'      
7 6 'Structure model' 'Refinement description'    
# 
loop_
_pdbx_audit_revision_category.ordinal 
_pdbx_audit_revision_category.revision_ordinal 
_pdbx_audit_revision_category.data_content_type 
_pdbx_audit_revision_category.category 
1 4 'Structure model' software                      
2 5 'Structure model' chem_comp_atom                
3 5 'Structure model' chem_comp_bond                
4 5 'Structure model' database_2                    
5 5 'Structure model' struct_site                   
6 6 'Structure model' pdbx_initial_refinement_model 
# 
loop_
_pdbx_audit_revision_item.ordinal 
_pdbx_audit_revision_item.revision_ordinal 
_pdbx_audit_revision_item.data_content_type 
_pdbx_audit_revision_item.item 
1 4 'Structure model' '_software.classification'            
2 4 'Structure model' '_software.name'                      
3 5 'Structure model' '_database_2.pdbx_DOI'                
4 5 'Structure model' '_database_2.pdbx_database_accession' 
5 5 'Structure model' '_struct_site.pdbx_auth_asym_id'      
6 5 'Structure model' '_struct_site.pdbx_auth_comp_id'      
7 5 'Structure model' '_struct_site.pdbx_auth_seq_id'       
# 
_pdbx_database_status.status_code                     REL 
_pdbx_database_status.entry_id                        1XAM 
_pdbx_database_status.recvd_initial_deposition_date   2004-08-26 
_pdbx_database_status.deposit_site                    RCSB 
_pdbx_database_status.process_site                    RCSB 
_pdbx_database_status.status_code_sf                  REL 
_pdbx_database_status.status_code_mr                  ? 
_pdbx_database_status.SG_entry                        ? 
_pdbx_database_status.pdb_format_compatible           Y 
_pdbx_database_status.status_code_cs                  ? 
_pdbx_database_status.methods_development_category    ? 
_pdbx_database_status.status_code_nmr_data            ? 
# 
_pdbx_database_related.db_name        PDB 
_pdbx_database_related.db_id          1XA2 
_pdbx_database_related.details        'The same sequence in different space group.' 
_pdbx_database_related.content_type   unspecified 
# 
loop_
_audit_author.name 
_audit_author.pdbx_ordinal 
'Thiyagarajan, S.' 1 
'Rajan, S.S.'      2 
'Gautham, N.'      3 
# 
loop_
_citation.id 
_citation.title 
_citation.journal_abbrev 
_citation.journal_volume 
_citation.page_first 
_citation.page_last 
_citation.year 
_citation.journal_id_ASTM 
_citation.country 
_citation.journal_id_ISSN 
_citation.journal_id_CSD 
_citation.book_publisher 
_citation.pdbx_database_id_PubMed 
_citation.pdbx_database_id_DOI 
primary 'Cobalt hexammine induced tautomeric shift in Z-DNA: the structure of d(CGCGCA)*d(TGCGCG) in two crystal forms.' 
'Nucleic Acids Res.'       32 5945 5953 2004 NARHAD UK 0305-1048 0389 ? 15534365 10.1093/nar/gkh919        
1       'Structure of d(TGCGCG). d(CGCGCA) in two crystal forms: effects of sequence and crystal packing in Z-DNA'       
'Acta Crystallogr.,Sect.D' 61 1125 1131 2005 ABCRE6 DK 0907-4449 0766 ? 16041078 10.1107/S0907444905016781 
# 
loop_
_citation_author.citation_id 
_citation_author.name 
_citation_author.ordinal 
_citation_author.identifier_ORCID 
primary 'Thiyagarajan, S.' 1 ? 
primary 'Rajan, S.S.'      2 ? 
primary 'Gautham, N.'      3 ? 
1       'Thiyagarajan, S.' 4 ? 
1       'Rajan, S.S.'      5 ? 
1       'Gautham, N.'      6 ? 
# 
loop_
_entity.id 
_entity.type 
_entity.src_method 
_entity.pdbx_description 
_entity.formula_weight 
_entity.pdbx_number_of_molecules 
_entity.pdbx_ec 
_entity.pdbx_mutation 
_entity.pdbx_fragment 
_entity.details 
1 polymer     syn CGCGCA                  1794.206 1  ? ? ? ? 
2 polymer     syn TGCGCG                  1825.216 1  ? ? ? ? 
3 polymer     syn TG                      588.441  2  ? ? ? ? 
4 non-polymer syn 'COBALT HEXAMMINE(III)' 161.116  1  ? ? ? ? 
5 water       nat water                   18.015   18 ? ? ? ? 
# 
loop_
_entity_poly.entity_id 
_entity_poly.type 
_entity_poly.nstd_linkage 
_entity_poly.nstd_monomer 
_entity_poly.pdbx_seq_one_letter_code 
_entity_poly.pdbx_seq_one_letter_code_can 
_entity_poly.pdbx_strand_id 
_entity_poly.pdbx_target_identifier 
1 polydeoxyribonucleotide no no '(DC)(DG)(DC)(DG)(DC)(DA)' CGCGCA A   ? 
2 polydeoxyribonucleotide no no '(DT)(DG)(DC)(DG)(DC)(DG)' TGCGCG B   ? 
3 polydeoxyribonucleotide no no '(DT)(DG)'                 TG     D,E ? 
# 
loop_
_pdbx_entity_nonpoly.entity_id 
_pdbx_entity_nonpoly.name 
_pdbx_entity_nonpoly.comp_id 
4 'COBALT HEXAMMINE(III)' NCO 
5 water                   HOH 
# 
loop_
_entity_poly_seq.entity_id 
_entity_poly_seq.num 
_entity_poly_seq.mon_id 
_entity_poly_seq.hetero 
1 1 DC n 
1 2 DG n 
1 3 DC n 
1 4 DG n 
1 5 DC n 
1 6 DA n 
2 1 DT n 
2 2 DG n 
2 3 DC n 
2 4 DG n 
2 5 DC n 
2 6 DG n 
3 1 DT n 
3 2 DG n 
# 
loop_
_chem_comp.id 
_chem_comp.type 
_chem_comp.mon_nstd_flag 
_chem_comp.name 
_chem_comp.pdbx_synonyms 
_chem_comp.formula 
_chem_comp.formula_weight 
DA  'DNA linking' y "2'-DEOXYADENOSINE-5'-MONOPHOSPHATE" ? 'C10 H14 N5 O6 P' 331.222 
DC  'DNA linking' y "2'-DEOXYCYTIDINE-5'-MONOPHOSPHATE"  ? 'C9 H14 N3 O7 P'  307.197 
DG  'DNA linking' y "2'-DEOXYGUANOSINE-5'-MONOPHOSPHATE" ? 'C10 H14 N5 O7 P' 347.221 
DT  'DNA linking' y "THYMIDINE-5'-MONOPHOSPHATE"         ? 'C10 H15 N2 O8 P' 322.208 
HOH non-polymer   . WATER                                ? 'H2 O'            18.015  
NCO non-polymer   . 'COBALT HEXAMMINE(III)'              ? 'Co H18 N6 3'     161.116 
# 
loop_
_pdbx_poly_seq_scheme.asym_id 
_pdbx_poly_seq_scheme.entity_id 
_pdbx_poly_seq_scheme.seq_id 
_pdbx_poly_seq_scheme.mon_id 
_pdbx_poly_seq_scheme.ndb_seq_num 
_pdbx_poly_seq_scheme.pdb_seq_num 
_pdbx_poly_seq_scheme.auth_seq_num 
_pdbx_poly_seq_scheme.pdb_mon_id 
_pdbx_poly_seq_scheme.auth_mon_id 
_pdbx_poly_seq_scheme.pdb_strand_id 
_pdbx_poly_seq_scheme.pdb_ins_code 
_pdbx_poly_seq_scheme.hetero 
A 1 1 DC 1 1  1  DC C A . n 
A 1 2 DG 2 2  2  DG G A . n 
A 1 3 DC 3 3  3  DC C A . n 
A 1 4 DG 4 4  4  DG G A . n 
A 1 5 DC 5 5  5  DC C A . n 
A 1 6 DA 6 6  6  DA A A . n 
B 2 1 DT 1 7  7  DT T B . n 
B 2 2 DG 2 8  8  DG G B . n 
B 2 3 DC 3 9  9  DC C B . n 
B 2 4 DG 4 10 10 DG G B . n 
B 2 5 DC 5 11 11 DC C B . n 
B 2 6 DG 6 12 12 DG G B . n 
C 3 1 DT 1 13 13 DT T D . n 
C 3 2 DG 2 14 14 DG G D . n 
D 3 1 DT 1 15 15 DT T E . n 
D 3 2 DG 2 16 16 DG G E . n 
# 
loop_
_pdbx_nonpoly_scheme.asym_id 
_pdbx_nonpoly_scheme.entity_id 
_pdbx_nonpoly_scheme.mon_id 
_pdbx_nonpoly_scheme.ndb_seq_num 
_pdbx_nonpoly_scheme.pdb_seq_num 
_pdbx_nonpoly_scheme.auth_seq_num 
_pdbx_nonpoly_scheme.pdb_mon_id 
_pdbx_nonpoly_scheme.auth_mon_id 
_pdbx_nonpoly_scheme.pdb_strand_id 
_pdbx_nonpoly_scheme.pdb_ins_code 
E 4 NCO 1 21 21 NCO NCO E . 
F 5 HOH 1 17 17 HOH HOH A . 
F 5 HOH 2 27 27 HOH HOH A . 
F 5 HOH 3 30 30 HOH HOH A . 
F 5 HOH 4 34 34 HOH HOH A . 
G 5 HOH 1 24 24 HOH HOH B . 
G 5 HOH 2 26 26 HOH HOH B . 
G 5 HOH 3 28 28 HOH HOH B . 
G 5 HOH 4 29 29 HOH HOH B . 
G 5 HOH 5 31 31 HOH HOH B . 
G 5 HOH 6 33 33 HOH HOH B . 
G 5 HOH 7 36 36 HOH HOH B . 
H 5 HOH 1 18 18 HOH HOH D . 
H 5 HOH 2 20 20 HOH HOH D . 
H 5 HOH 3 22 22 HOH HOH D . 
H 5 HOH 4 23 23 HOH HOH D . 
H 5 HOH 5 32 32 HOH HOH D . 
I 5 HOH 1 19 19 HOH HOH E . 
I 5 HOH 2 37 37 HOH HOH E . 
# 
loop_
_software.name 
_software.classification 
_software.version 
_software.citation_id 
_software.pdbx_ordinal 
REFMAC  refinement       5.0 ? 1 
XDS     'data reduction' .   ? 2 
AUTOMAR 'data reduction' .   ? 3 
AMoRE   phasing          .   ? 4 
# 
_cell.entry_id           1XAM 
_cell.length_a           35.588 
_cell.length_b           35.588 
_cell.length_c           44.518 
_cell.angle_alpha        90.00 
_cell.angle_beta         90.00 
_cell.angle_gamma        120.00 
_cell.Z_PDB              12 
_cell.pdbx_unique_axis   ? 
# 
_symmetry.entry_id                         1XAM 
_symmetry.space_group_name_H-M             'P 65' 
_symmetry.pdbx_full_space_group_name_H-M   ? 
_symmetry.cell_setting                     ? 
_symmetry.Int_Tables_number                170 
_symmetry.space_group_name_Hall            ? 
# 
_exptl.entry_id          1XAM 
_exptl.method            'X-RAY DIFFRACTION' 
_exptl.crystals_number   1 
# 
_exptl_crystal.id                    1 
_exptl_crystal.density_meas          ? 
_exptl_crystal.density_Matthews      1.76 
_exptl_crystal.density_percent_sol   29.41 
_exptl_crystal.description           ? 
_exptl_crystal.F_000                 ? 
_exptl_crystal.preparation           ? 
# 
_exptl_crystal_grow.crystal_id      1 
_exptl_crystal_grow.method          'VAPOR DIFFUSION, HANGING DROP' 
_exptl_crystal_grow.temp            293 
_exptl_crystal_grow.temp_details    ? 
_exptl_crystal_grow.pH              6.9 
_exptl_crystal_grow.pdbx_details    
'MPD, cacodylate, cobalt hexammine chloride, spermine., pH 6.9, VAPOR DIFFUSION, HANGING DROP, temperature 293K' 
_exptl_crystal_grow.pdbx_pH_range   . 
# 
loop_
_exptl_crystal_grow_comp.crystal_id 
_exptl_crystal_grow_comp.id 
_exptl_crystal_grow_comp.sol_id 
_exptl_crystal_grow_comp.name 
_exptl_crystal_grow_comp.volume 
_exptl_crystal_grow_comp.conc 
_exptl_crystal_grow_comp.details 
1 1 1 MPD                         ? ? ? 
1 2 1 cacodylate                  ? ? ? 
1 3 1 'cobalt hexammine chloride' ? ? ? 
1 4 1 spermine                    ? ? ? 
1 5 1 H2O                         ? ? ? 
1 6 2 MPD                         ? ? ? 
1 7 2 cacodylate                  ? ? ? 
1 8 2 H2O                         ? ? ? 
# 
_diffrn.id                     1 
_diffrn.ambient_temp           293 
_diffrn.ambient_temp_details   ? 
_diffrn.crystal_id             1 
# 
_diffrn_detector.diffrn_id              1 
_diffrn_detector.detector               'IMAGE PLATE' 
_diffrn_detector.type                   MARRESEARCH 
_diffrn_detector.pdbx_collection_date   2004-01-25 
_diffrn_detector.details                ? 
# 
_diffrn_radiation.diffrn_id                        1 
_diffrn_radiation.wavelength_id                    1 
_diffrn_radiation.pdbx_monochromatic_or_laue_m_l   M 
_diffrn_radiation.monochromator                    NIL 
_diffrn_radiation.pdbx_diffrn_protocol             'SINGLE WAVELENGTH' 
_diffrn_radiation.pdbx_scattering_type             x-ray 
# 
_diffrn_radiation_wavelength.id           1 
_diffrn_radiation_wavelength.wavelength   1.5418 
_diffrn_radiation_wavelength.wt           1.0 
# 
_diffrn_source.diffrn_id                   1 
_diffrn_source.source                      'ROTATING ANODE' 
_diffrn_source.type                        'RIGAKU RU300' 
_diffrn_source.pdbx_synchrotron_site       ? 
_diffrn_source.pdbx_synchrotron_beamline   ? 
_diffrn_source.pdbx_wavelength             ? 
_diffrn_source.pdbx_wavelength_list        1.5418 
# 
_reflns.entry_id                     1XAM 
_reflns.observed_criterion_sigma_F   0 
_reflns.observed_criterion_sigma_I   0 
_reflns.d_resolution_high            1.86 
_reflns.d_resolution_low             30 
_reflns.number_all                   2695 
_reflns.number_obs                   2686 
_reflns.percent_possible_obs         99 
_reflns.pdbx_Rmerge_I_obs            0.15 
_reflns.pdbx_Rsym_value              ? 
_reflns.pdbx_netI_over_sigmaI        2.4 
_reflns.B_iso_Wilson_estimate        ? 
_reflns.pdbx_redundancy              4.64 
_reflns.R_free_details               ? 
_reflns.pdbx_chi_squared             ? 
_reflns.pdbx_scaling_rejects         ? 
_reflns.pdbx_diffrn_id               1 
_reflns.pdbx_ordinal                 1 
# 
_reflns_shell.d_res_high             1.86 
_reflns_shell.d_res_low              1.93 
_reflns_shell.percent_possible_all   90.3 
_reflns_shell.Rmerge_I_obs           0.5274 
_reflns_shell.pdbx_Rsym_value        ? 
_reflns_shell.meanI_over_sigI_obs    1.0 
_reflns_shell.pdbx_redundancy        4.34 
_reflns_shell.percent_possible_obs   ? 
_reflns_shell.number_unique_all      ? 
_reflns_shell.number_measured_all    ? 
_reflns_shell.number_measured_obs    ? 
_reflns_shell.number_unique_obs      ? 
_reflns_shell.pdbx_chi_squared       ? 
_reflns_shell.pdbx_diffrn_id         ? 
_reflns_shell.pdbx_ordinal           1 
# 
_refine.entry_id                                 1XAM 
_refine.ls_number_reflns_obs                     2495 
_refine.ls_number_reflns_all                     2595 
_refine.pdbx_ls_sigma_I                          0 
_refine.pdbx_ls_sigma_F                          0 
_refine.pdbx_data_cutoff_high_absF               ? 
_refine.pdbx_data_cutoff_low_absF                ? 
_refine.pdbx_data_cutoff_high_rms_absF           ? 
_refine.ls_d_res_low                             30. 
_refine.ls_d_res_high                            1.86 
_refine.ls_percent_reflns_obs                    99.08 
_refine.ls_R_factor_obs                          0.27867 
_refine.ls_R_factor_all                          0.295 
_refine.ls_R_factor_R_work                       0.27283 
_refine.ls_R_factor_R_free                       0.34618 
_refine.ls_R_factor_R_free_error                 ? 
_refine.ls_R_factor_R_free_error_details         ? 
_refine.ls_percent_reflns_R_free                 7.4 
_refine.ls_number_reflns_R_free                  199 
_refine.ls_number_parameters                     ? 
_refine.ls_number_restraints                     ? 
_refine.occupancy_min                            ? 
_refine.occupancy_max                            ? 
_refine.correlation_coeff_Fo_to_Fc               0.935 
_refine.correlation_coeff_Fo_to_Fc_free          0.879 
_refine.B_iso_mean                               24.410 
_refine.aniso_B[1][1]                            0.23 
_refine.aniso_B[2][2]                            0.23 
_refine.aniso_B[3][3]                            -0.34 
_refine.aniso_B[1][2]                            0.11 
_refine.aniso_B[1][3]                            0.00 
_refine.aniso_B[2][3]                            0.00 
_refine.solvent_model_details                    'BABINET MODEL WITH MASK' 
_refine.solvent_model_param_ksol                 ? 
_refine.solvent_model_param_bsol                 ? 
_refine.pdbx_solvent_vdw_probe_radii             1.40 
_refine.pdbx_solvent_ion_probe_radii             0.80 
_refine.pdbx_solvent_shrinkage_radii             0.80 
_refine.pdbx_ls_cross_valid_method               THROUGHOUT 
_refine.details                                  ? 
_refine.pdbx_starting_model                      'Z-DNA hexamer with terminal base pairs replaced with A-T base pair.' 
_refine.pdbx_method_to_determine_struct          'MOLECULAR REPLACEMENT' 
_refine.pdbx_isotropic_thermal_model             ? 
_refine.pdbx_stereochemistry_target_values       'MAXIMUM LIKELIHOOD' 
_refine.pdbx_stereochem_target_val_spec_case     ? 
_refine.pdbx_R_Free_selection_details            RANDOM 
_refine.pdbx_overall_ESU_R                       0.294 
_refine.pdbx_overall_ESU_R_Free                  0.248 
_refine.overall_SU_ML                            0.219 
_refine.overall_SU_B                             7.847 
_refine.ls_redundancy_reflns_obs                 ? 
_refine.overall_SU_R_Cruickshank_DPI             ? 
_refine.overall_SU_R_free                        ? 
_refine.ls_wR_factor_R_free                      ? 
_refine.ls_wR_factor_R_work                      ? 
_refine.overall_FOM_free_R_set                   ? 
_refine.overall_FOM_work_R_set                   ? 
_refine.pdbx_refine_id                           'X-RAY DIFFRACTION' 
_refine.pdbx_diffrn_id                           1 
_refine.pdbx_TLS_residual_ADP_flag               ? 
_refine.pdbx_overall_phase_error                 ? 
_refine.pdbx_overall_SU_R_free_Cruickshank_DPI   ? 
_refine.pdbx_overall_SU_R_Blow_DPI               ? 
_refine.pdbx_overall_SU_R_free_Blow_DPI          ? 
# 
_refine_hist.pdbx_refine_id                   'X-RAY DIFFRACTION' 
_refine_hist.cycle_id                         LAST 
_refine_hist.pdbx_number_atoms_protein        0 
_refine_hist.pdbx_number_atoms_nucleic_acid   324 
_refine_hist.pdbx_number_atoms_ligand         7 
_refine_hist.number_atoms_solvent             18 
_refine_hist.number_atoms_total               349 
_refine_hist.d_res_high                       1.86 
_refine_hist.d_res_low                        30. 
# 
loop_
_refine_ls_restr.type 
_refine_ls_restr.dev_ideal 
_refine_ls_restr.dev_ideal_target 
_refine_ls_restr.weight 
_refine_ls_restr.number 
_refine_ls_restr.pdbx_refine_id 
_refine_ls_restr.pdbx_restraint_function 
r_bond_refined_d         0.042 0.021 ? 366 'X-RAY DIFFRACTION' ? 
r_angle_refined_deg      7.235 3.000 ? 563 'X-RAY DIFFRACTION' ? 
r_chiral_restr           0.387 0.200 ? 49  'X-RAY DIFFRACTION' ? 
r_gen_planes_refined     0.026 0.020 ? 167 'X-RAY DIFFRACTION' ? 
r_nbd_refined            0.260 0.300 ? 133 'X-RAY DIFFRACTION' ? 
r_xyhbond_nbd_refined    0.163 0.500 ? 14  'X-RAY DIFFRACTION' ? 
r_symmetry_vdw_refined   0.470 0.300 ? 40  'X-RAY DIFFRACTION' ? 
r_symmetry_hbond_refined 0.483 0.500 ? 3   'X-RAY DIFFRACTION' ? 
r_scbond_it              5.620 3.000 ? 366 'X-RAY DIFFRACTION' ? 
r_scangle_it             6.848 4.500 ? 563 'X-RAY DIFFRACTION' ? 
# 
_refine_ls_shell.pdbx_total_number_of_bins_used   20 
_refine_ls_shell.d_res_high                       1.86 
_refine_ls_shell.d_res_low                        1.909 
_refine_ls_shell.number_reflns_R_work             151 
_refine_ls_shell.R_factor_R_work                  0.431 
_refine_ls_shell.percent_reflns_obs               ? 
_refine_ls_shell.R_factor_R_free                  0.483 
_refine_ls_shell.R_factor_R_free_error            ? 
_refine_ls_shell.percent_reflns_R_free            ? 
_refine_ls_shell.number_reflns_R_free             12 
_refine_ls_shell.redundancy_reflns_obs            ? 
_refine_ls_shell.pdbx_refine_id                   'X-RAY DIFFRACTION' 
_refine_ls_shell.number_reflns_all                ? 
_refine_ls_shell.R_factor_all                     ? 
# 
_struct.entry_id                  1XAM 
_struct.title                     
'Cobalt hexammine induced tautameric shift in Z-DNA: structure of d(CGCGCA).d(TGCGCG) in two crystal forms.' 
_struct.pdbx_model_details        ? 
_struct.pdbx_CASP_flag            ? 
_struct.pdbx_model_type_details   ? 
# 
_struct_keywords.entry_id        1XAM 
_struct_keywords.pdbx_keywords   DNA 
_struct_keywords.text            'DOUBLE HELIX, Z-DNA, DNA' 
# 
loop_
_struct_asym.id 
_struct_asym.pdbx_blank_PDB_chainid_flag 
_struct_asym.pdbx_modified 
_struct_asym.entity_id 
_struct_asym.details 
A N N 1 ? 
B N N 2 ? 
C N N 3 ? 
D N N 3 ? 
E N N 4 ? 
F N N 5 ? 
G N N 5 ? 
H N N 5 ? 
I N N 5 ? 
# 
loop_
_struct_ref.id 
_struct_ref.entity_id 
_struct_ref.db_name 
_struct_ref.db_code 
_struct_ref.pdbx_db_accession 
_struct_ref.pdbx_db_isoform 
_struct_ref.pdbx_seq_one_letter_code 
_struct_ref.pdbx_align_begin 
1 1 PDB 1XAM 1XAM ? ? ? 
2 2 PDB 1XAM 1XAM ? ? ? 
3 3 PDB 1XAM 1XAM ? ? ? 
# 
loop_
_struct_ref_seq.align_id 
_struct_ref_seq.ref_id 
_struct_ref_seq.pdbx_PDB_id_code 
_struct_ref_seq.pdbx_strand_id 
_struct_ref_seq.seq_align_beg 
_struct_ref_seq.pdbx_seq_align_beg_ins_code 
_struct_ref_seq.seq_align_end 
_struct_ref_seq.pdbx_seq_align_end_ins_code 
_struct_ref_seq.pdbx_db_accession 
_struct_ref_seq.db_align_beg 
_struct_ref_seq.pdbx_db_align_beg_ins_code 
_struct_ref_seq.db_align_end 
_struct_ref_seq.pdbx_db_align_end_ins_code 
_struct_ref_seq.pdbx_auth_seq_align_beg 
_struct_ref_seq.pdbx_auth_seq_align_end 
1 1 1XAM A 1 ? 6 ? 1XAM 1  ? 6  ? 1  6  
2 2 1XAM B 1 ? 6 ? 1XAM 7  ? 12 ? 7  12 
3 3 1XAM D 1 ? 2 ? 1XAM 13 ? 14 ? 13 14 
4 3 1XAM E 1 ? 2 ? 1XAM 15 ? 16 ? 15 16 
# 
loop_
_pdbx_struct_assembly.id 
_pdbx_struct_assembly.details 
_pdbx_struct_assembly.method_details 
_pdbx_struct_assembly.oligomeric_details 
_pdbx_struct_assembly.oligomeric_count 
1 author_defined_assembly ? dimeric   2 
2 author_defined_assembly ? hexameric 6 
# 
loop_
_pdbx_struct_assembly_gen.assembly_id 
_pdbx_struct_assembly_gen.oper_expression 
_pdbx_struct_assembly_gen.asym_id_list 
1 1     A,B,F,G   
2 1,2,3 C,D,E,H,I 
# 
loop_
_pdbx_struct_oper_list.id 
_pdbx_struct_oper_list.type 
_pdbx_struct_oper_list.name 
_pdbx_struct_oper_list.symmetry_operation 
_pdbx_struct_oper_list.matrix[1][1] 
_pdbx_struct_oper_list.matrix[1][2] 
_pdbx_struct_oper_list.matrix[1][3] 
_pdbx_struct_oper_list.vector[1] 
_pdbx_struct_oper_list.matrix[2][1] 
_pdbx_struct_oper_list.matrix[2][2] 
_pdbx_struct_oper_list.matrix[2][3] 
_pdbx_struct_oper_list.vector[2] 
_pdbx_struct_oper_list.matrix[3][1] 
_pdbx_struct_oper_list.matrix[3][2] 
_pdbx_struct_oper_list.matrix[3][3] 
_pdbx_struct_oper_list.vector[3] 
1 'identity operation'         1_555 x,y,z            1.0000000000 0.0000000000  0.0000000000 0.0000000000  0.0000000000  1.0000000000 0.0000000000  0.0000000000  0.0000000000 0.0000000000  1.0000000000 0.0000000000  
2 'crystal symmetry operation' 6_544 x-y,x-1,z-1/6    0.7609850615 -0.6316294183 0.1481418717 -3.2550696727 0.5496796214  0.5064330973 -0.6643627261 13.7614007099 0.3446070953 0.5870006779  0.7325818412 -5.1420311753 
3 'crystal symmetry operation' 5_665 y+1,-x+y+1,z+1/6 0.7609850615 0.5496796214  0.3446070953 -3.3153217097 -0.6316294183 0.5064330973 0.5870006779  -6.0068507637 0.1481418717 -0.6643627261 0.7325818412 13.3917324704  
# 
loop_
_struct_biol.id 
_struct_biol.details 
_struct_biol.pdbx_parent_biol_id 
1 
;biological unit is a double helix. A second hexamer is to be generated by symmetry related entities of the dinucleotide formed with chain C and D.
;
? 
2 ? ? 
# 
loop_
_struct_conn.id 
_struct_conn.conn_type_id 
_struct_conn.pdbx_leaving_atom_flag 
_struct_conn.pdbx_PDB_id 
_struct_conn.ptnr1_label_asym_id 
_struct_conn.ptnr1_label_comp_id 
_struct_conn.ptnr1_label_seq_id 
_struct_conn.ptnr1_label_atom_id 
_struct_conn.pdbx_ptnr1_label_alt_id 
_struct_conn.pdbx_ptnr1_PDB_ins_code 
_struct_conn.pdbx_ptnr1_standard_comp_id 
_struct_conn.ptnr1_symmetry 
_struct_conn.ptnr2_label_asym_id 
_struct_conn.ptnr2_label_comp_id 
_struct_conn.ptnr2_label_seq_id 
_struct_conn.ptnr2_label_atom_id 
_struct_conn.pdbx_ptnr2_label_alt_id 
_struct_conn.pdbx_ptnr2_PDB_ins_code 
_struct_conn.ptnr1_auth_asym_id 
_struct_conn.ptnr1_auth_comp_id 
_struct_conn.ptnr1_auth_seq_id 
_struct_conn.ptnr2_auth_asym_id 
_struct_conn.ptnr2_auth_comp_id 
_struct_conn.ptnr2_auth_seq_id 
_struct_conn.ptnr2_symmetry 
_struct_conn.pdbx_ptnr3_label_atom_id 
_struct_conn.pdbx_ptnr3_label_seq_id 
_struct_conn.pdbx_ptnr3_label_comp_id 
_struct_conn.pdbx_ptnr3_label_asym_id 
_struct_conn.pdbx_ptnr3_label_alt_id 
_struct_conn.pdbx_ptnr3_PDB_ins_code 
_struct_conn.details 
_struct_conn.pdbx_dist_value 
_struct_conn.pdbx_value_order 
_struct_conn.pdbx_role 
hydrog1  hydrog ? ? A DC 1 N3 ? ? ? 1_555 B DG 6 N1 ? ? A DC 1  B DG 12 1_555 ? ? ? ? ? ? WATSON-CRICK    ? ? ? 
hydrog2  hydrog ? ? A DC 1 N4 ? ? ? 1_555 B DG 6 O6 ? ? A DC 1  B DG 12 1_555 ? ? ? ? ? ? WATSON-CRICK    ? ? ? 
hydrog3  hydrog ? ? A DC 1 O2 ? ? ? 1_555 B DG 6 N2 ? ? A DC 1  B DG 12 1_555 ? ? ? ? ? ? WATSON-CRICK    ? ? ? 
hydrog4  hydrog ? ? A DG 2 N1 ? ? ? 1_555 B DC 5 N3 ? ? A DG 2  B DC 11 1_555 ? ? ? ? ? ? WATSON-CRICK    ? ? ? 
hydrog5  hydrog ? ? A DG 2 N2 ? ? ? 1_555 B DC 5 O2 ? ? A DG 2  B DC 11 1_555 ? ? ? ? ? ? WATSON-CRICK    ? ? ? 
hydrog6  hydrog ? ? A DG 2 O6 ? ? ? 1_555 B DC 5 N4 ? ? A DG 2  B DC 11 1_555 ? ? ? ? ? ? WATSON-CRICK    ? ? ? 
hydrog7  hydrog ? ? A DC 3 N3 ? ? ? 1_555 B DG 4 N1 ? ? A DC 3  B DG 10 1_555 ? ? ? ? ? ? WATSON-CRICK    ? ? ? 
hydrog8  hydrog ? ? A DC 3 N4 ? ? ? 1_555 B DG 4 O6 ? ? A DC 3  B DG 10 1_555 ? ? ? ? ? ? WATSON-CRICK    ? ? ? 
hydrog9  hydrog ? ? A DC 3 O2 ? ? ? 1_555 B DG 4 N2 ? ? A DC 3  B DG 10 1_555 ? ? ? ? ? ? WATSON-CRICK    ? ? ? 
hydrog10 hydrog ? ? A DG 4 N1 ? ? ? 1_555 B DC 3 N3 ? ? A DG 4  B DC 9  1_555 ? ? ? ? ? ? WATSON-CRICK    ? ? ? 
hydrog11 hydrog ? ? A DG 4 N2 ? ? ? 1_555 B DC 3 O2 ? ? A DG 4  B DC 9  1_555 ? ? ? ? ? ? WATSON-CRICK    ? ? ? 
hydrog12 hydrog ? ? A DG 4 O6 ? ? ? 1_555 B DC 3 N4 ? ? A DG 4  B DC 9  1_555 ? ? ? ? ? ? WATSON-CRICK    ? ? ? 
hydrog13 hydrog ? ? A DC 5 N3 ? ? ? 1_555 B DG 2 N1 ? ? A DC 5  B DG 8  1_555 ? ? ? ? ? ? WATSON-CRICK    ? ? ? 
hydrog14 hydrog ? ? A DC 5 N4 ? ? ? 1_555 B DG 2 O6 ? ? A DC 5  B DG 8  1_555 ? ? ? ? ? ? WATSON-CRICK    ? ? ? 
hydrog15 hydrog ? ? A DC 5 O2 ? ? ? 1_555 B DG 2 N2 ? ? A DC 5  B DG 8  1_555 ? ? ? ? ? ? WATSON-CRICK    ? ? ? 
hydrog16 hydrog ? ? A DA 6 N1 ? ? ? 1_555 B DT 1 N3 ? ? A DA 6  B DT 7  1_555 ? ? ? ? ? ? WATSON-CRICK    ? ? ? 
hydrog17 hydrog ? ? A DA 6 N6 ? ? ? 1_555 B DT 1 O4 ? ? A DA 6  B DT 7  1_555 ? ? ? ? ? ? WATSON-CRICK    ? ? ? 
hydrog18 hydrog ? ? C DT 1 N3 ? ? ? 1_555 D DG 2 O6 ? ? D DT 13 E DG 16 1_555 ? ? ? ? ? ? TYPE_28_PAIR    ? ? ? 
hydrog19 hydrog ? ? C DT 1 O2 ? ? ? 1_555 D DG 2 N1 ? ? D DT 13 E DG 16 1_555 ? ? ? ? ? ? TYPE_28_PAIR    ? ? ? 
hydrog20 hydrog ? ? C DG 2 N1 ? ? ? 1_555 D DT 1 O2 ? ? D DG 14 E DT 15 1_555 ? ? ? ? ? ? 'DG-DT MISPAIR' ? ? ? 
# 
_struct_conn_type.id          hydrog 
_struct_conn_type.criteria    ? 
_struct_conn_type.reference   ? 
# 
_struct_site.id                   AC1 
_struct_site.pdbx_evidence_code   Software 
_struct_site.pdbx_auth_asym_id    E 
_struct_site.pdbx_auth_comp_id    NCO 
_struct_site.pdbx_auth_seq_id     21 
_struct_site.pdbx_auth_ins_code   ? 
_struct_site.pdbx_num_residues    7 
_struct_site.details              'BINDING SITE FOR RESIDUE NCO E 21' 
# 
loop_
_struct_site_gen.id 
_struct_site_gen.site_id 
_struct_site_gen.pdbx_num_res 
_struct_site_gen.label_comp_id 
_struct_site_gen.label_asym_id 
_struct_site_gen.label_seq_id 
_struct_site_gen.pdbx_auth_ins_code 
_struct_site_gen.auth_comp_id 
_struct_site_gen.auth_asym_id 
_struct_site_gen.auth_seq_id 
_struct_site_gen.label_atom_id 
_struct_site_gen.label_alt_id 
_struct_site_gen.symmetry 
_struct_site_gen.details 
1 AC1 7 DC A 1 ? DC A 1  . ? 4_764 ? 
2 AC1 7 DT B 1 ? DT B 7  . ? 1_555 ? 
3 AC1 7 DC B 5 ? DC B 11 . ? 4_764 ? 
4 AC1 7 DG B 6 ? DG B 12 . ? 4_764 ? 
5 AC1 7 DG C 2 ? DG D 14 . ? 6_544 ? 
6 AC1 7 DT D 1 ? DT E 15 . ? 1_555 ? 
7 AC1 7 DG D 2 ? DG E 16 . ? 1_555 ? 
# 
_pdbx_validate_symm_contact.id                1 
_pdbx_validate_symm_contact.PDB_model_num     1 
_pdbx_validate_symm_contact.auth_atom_id_1    O 
_pdbx_validate_symm_contact.auth_asym_id_1    A 
_pdbx_validate_symm_contact.auth_comp_id_1    HOH 
_pdbx_validate_symm_contact.auth_seq_id_1     27 
_pdbx_validate_symm_contact.PDB_ins_code_1    ? 
_pdbx_validate_symm_contact.label_alt_id_1    ? 
_pdbx_validate_symm_contact.site_symmetry_1   1_555 
_pdbx_validate_symm_contact.auth_atom_id_2    O 
_pdbx_validate_symm_contact.auth_asym_id_2    B 
_pdbx_validate_symm_contact.auth_comp_id_2    HOH 
_pdbx_validate_symm_contact.auth_seq_id_2     24 
_pdbx_validate_symm_contact.PDB_ins_code_2    ? 
_pdbx_validate_symm_contact.label_alt_id_2    ? 
_pdbx_validate_symm_contact.site_symmetry_2   5_665 
_pdbx_validate_symm_contact.dist              2.10 
# 
loop_
_pdbx_validate_rmsd_angle.id 
_pdbx_validate_rmsd_angle.PDB_model_num 
_pdbx_validate_rmsd_angle.auth_atom_id_1 
_pdbx_validate_rmsd_angle.auth_asym_id_1 
_pdbx_validate_rmsd_angle.auth_comp_id_1 
_pdbx_validate_rmsd_angle.auth_seq_id_1 
_pdbx_validate_rmsd_angle.PDB_ins_code_1 
_pdbx_validate_rmsd_angle.label_alt_id_1 
_pdbx_validate_rmsd_angle.auth_atom_id_2 
_pdbx_validate_rmsd_angle.auth_asym_id_2 
_pdbx_validate_rmsd_angle.auth_comp_id_2 
_pdbx_validate_rmsd_angle.auth_seq_id_2 
_pdbx_validate_rmsd_angle.PDB_ins_code_2 
_pdbx_validate_rmsd_angle.label_alt_id_2 
_pdbx_validate_rmsd_angle.auth_atom_id_3 
_pdbx_validate_rmsd_angle.auth_asym_id_3 
_pdbx_validate_rmsd_angle.auth_comp_id_3 
_pdbx_validate_rmsd_angle.auth_seq_id_3 
_pdbx_validate_rmsd_angle.PDB_ins_code_3 
_pdbx_validate_rmsd_angle.label_alt_id_3 
_pdbx_validate_rmsd_angle.angle_value 
_pdbx_validate_rmsd_angle.angle_target_value 
_pdbx_validate_rmsd_angle.angle_deviation 
_pdbx_validate_rmsd_angle.angle_standard_deviation 
_pdbx_validate_rmsd_angle.linker_flag 
1  1 "O4'" A DC 1  ? ? "C1'" A DC 1  ? ? N1    A DC 1  ? ? 110.72 108.30 2.42  0.30 N 
2  1 "O4'" A DG 2  ? ? "C1'" A DG 2  ? ? N9    A DG 2  ? ? 101.43 108.00 -6.57 0.70 N 
3  1 "O4'" A DC 3  ? ? "C1'" A DC 3  ? ? N1    A DC 3  ? ? 111.43 108.30 3.13  0.30 N 
4  1 "O4'" A DG 4  ? ? "C1'" A DG 4  ? ? "C2'" A DG 4  ? ? 110.07 106.80 3.27  0.50 N 
5  1 "O4'" A DG 4  ? ? "C1'" A DG 4  ? ? N9    A DG 4  ? ? 103.02 108.00 -4.98 0.70 N 
6  1 "O4'" A DC 5  ? ? "C1'" A DC 5  ? ? N1    A DC 5  ? ? 112.38 108.30 4.08  0.30 N 
7  1 "O4'" A DA 6  ? ? "C1'" A DA 6  ? ? N9    A DA 6  ? ? 103.48 108.00 -4.52 0.70 N 
8  1 "O4'" B DT 7  ? ? "C1'" B DT 7  ? ? N1    B DT 7  ? ? 111.47 108.30 3.17  0.30 N 
9  1 "O4'" B DG 8  ? ? "C1'" B DG 8  ? ? "C2'" B DG 8  ? ? 109.87 106.80 3.07  0.50 N 
10 1 N3    B DC 9  ? ? C4    B DC 9  ? ? C5    B DC 9  ? ? 119.02 121.90 -2.88 0.40 N 
11 1 "O4'" B DG 10 ? ? "C1'" B DG 10 ? ? "C2'" B DG 10 ? ? 109.99 106.80 3.19  0.50 N 
12 1 "O4'" D DT 13 ? ? "C1'" D DT 13 ? ? N1    D DT 13 ? ? 111.92 108.30 3.62  0.30 N 
13 1 N3    D DT 13 ? ? C4    D DT 13 ? ? O4    D DT 13 ? ? 124.52 119.90 4.62  0.60 N 
14 1 C5    D DT 13 ? ? C4    D DT 13 ? ? O4    D DT 13 ? ? 119.80 124.90 -5.10 0.70 N 
15 1 "O4'" D DG 14 ? ? "C1'" D DG 14 ? ? "C2'" D DG 14 ? ? 109.97 106.80 3.17  0.50 N 
# 
loop_
_chem_comp_atom.comp_id 
_chem_comp_atom.atom_id 
_chem_comp_atom.type_symbol 
_chem_comp_atom.pdbx_aromatic_flag 
_chem_comp_atom.pdbx_stereo_config 
_chem_comp_atom.pdbx_ordinal 
DA  OP3    O  N N 1   
DA  P      P  N N 2   
DA  OP1    O  N N 3   
DA  OP2    O  N N 4   
DA  "O5'"  O  N N 5   
DA  "C5'"  C  N N 6   
DA  "C4'"  C  N R 7   
DA  "O4'"  O  N N 8   
DA  "C3'"  C  N S 9   
DA  "O3'"  O  N N 10  
DA  "C2'"  C  N N 11  
DA  "C1'"  C  N R 12  
DA  N9     N  Y N 13  
DA  C8     C  Y N 14  
DA  N7     N  Y N 15  
DA  C5     C  Y N 16  
DA  C6     C  Y N 17  
DA  N6     N  N N 18  
DA  N1     N  Y N 19  
DA  C2     C  Y N 20  
DA  N3     N  Y N 21  
DA  C4     C  Y N 22  
DA  HOP3   H  N N 23  
DA  HOP2   H  N N 24  
DA  "H5'"  H  N N 25  
DA  "H5''" H  N N 26  
DA  "H4'"  H  N N 27  
DA  "H3'"  H  N N 28  
DA  "HO3'" H  N N 29  
DA  "H2'"  H  N N 30  
DA  "H2''" H  N N 31  
DA  "H1'"  H  N N 32  
DA  H8     H  N N 33  
DA  H61    H  N N 34  
DA  H62    H  N N 35  
DA  H2     H  N N 36  
DC  OP3    O  N N 37  
DC  P      P  N N 38  
DC  OP1    O  N N 39  
DC  OP2    O  N N 40  
DC  "O5'"  O  N N 41  
DC  "C5'"  C  N N 42  
DC  "C4'"  C  N R 43  
DC  "O4'"  O  N N 44  
DC  "C3'"  C  N S 45  
DC  "O3'"  O  N N 46  
DC  "C2'"  C  N N 47  
DC  "C1'"  C  N R 48  
DC  N1     N  N N 49  
DC  C2     C  N N 50  
DC  O2     O  N N 51  
DC  N3     N  N N 52  
DC  C4     C  N N 53  
DC  N4     N  N N 54  
DC  C5     C  N N 55  
DC  C6     C  N N 56  
DC  HOP3   H  N N 57  
DC  HOP2   H  N N 58  
DC  "H5'"  H  N N 59  
DC  "H5''" H  N N 60  
DC  "H4'"  H  N N 61  
DC  "H3'"  H  N N 62  
DC  "HO3'" H  N N 63  
DC  "H2'"  H  N N 64  
DC  "H2''" H  N N 65  
DC  "H1'"  H  N N 66  
DC  H41    H  N N 67  
DC  H42    H  N N 68  
DC  H5     H  N N 69  
DC  H6     H  N N 70  
DG  OP3    O  N N 71  
DG  P      P  N N 72  
DG  OP1    O  N N 73  
DG  OP2    O  N N 74  
DG  "O5'"  O  N N 75  
DG  "C5'"  C  N N 76  
DG  "C4'"  C  N R 77  
DG  "O4'"  O  N N 78  
DG  "C3'"  C  N S 79  
DG  "O3'"  O  N N 80  
DG  "C2'"  C  N N 81  
DG  "C1'"  C  N R 82  
DG  N9     N  Y N 83  
DG  C8     C  Y N 84  
DG  N7     N  Y N 85  
DG  C5     C  Y N 86  
DG  C6     C  N N 87  
DG  O6     O  N N 88  
DG  N1     N  N N 89  
DG  C2     C  N N 90  
DG  N2     N  N N 91  
DG  N3     N  N N 92  
DG  C4     C  Y N 93  
DG  HOP3   H  N N 94  
DG  HOP2   H  N N 95  
DG  "H5'"  H  N N 96  
DG  "H5''" H  N N 97  
DG  "H4'"  H  N N 98  
DG  "H3'"  H  N N 99  
DG  "HO3'" H  N N 100 
DG  "H2'"  H  N N 101 
DG  "H2''" H  N N 102 
DG  "H1'"  H  N N 103 
DG  H8     H  N N 104 
DG  H1     H  N N 105 
DG  H21    H  N N 106 
DG  H22    H  N N 107 
DT  OP3    O  N N 108 
DT  P      P  N N 109 
DT  OP1    O  N N 110 
DT  OP2    O  N N 111 
DT  "O5'"  O  N N 112 
DT  "C5'"  C  N N 113 
DT  "C4'"  C  N R 114 
DT  "O4'"  O  N N 115 
DT  "C3'"  C  N S 116 
DT  "O3'"  O  N N 117 
DT  "C2'"  C  N N 118 
DT  "C1'"  C  N R 119 
DT  N1     N  N N 120 
DT  C2     C  N N 121 
DT  O2     O  N N 122 
DT  N3     N  N N 123 
DT  C4     C  N N 124 
DT  O4     O  N N 125 
DT  C5     C  N N 126 
DT  C7     C  N N 127 
DT  C6     C  N N 128 
DT  HOP3   H  N N 129 
DT  HOP2   H  N N 130 
DT  "H5'"  H  N N 131 
DT  "H5''" H  N N 132 
DT  "H4'"  H  N N 133 
DT  "H3'"  H  N N 134 
DT  "HO3'" H  N N 135 
DT  "H2'"  H  N N 136 
DT  "H2''" H  N N 137 
DT  "H1'"  H  N N 138 
DT  H3     H  N N 139 
DT  H71    H  N N 140 
DT  H72    H  N N 141 
DT  H73    H  N N 142 
DT  H6     H  N N 143 
HOH O      O  N N 144 
HOH H1     H  N N 145 
HOH H2     H  N N 146 
NCO CO     CO N N 147 
NCO N1     N  N N 148 
NCO N2     N  N N 149 
NCO N3     N  N N 150 
NCO N4     N  N N 151 
NCO N5     N  N N 152 
NCO N6     N  N N 153 
NCO HN11   H  N N 154 
NCO HN12   H  N N 155 
NCO HN13   H  N N 156 
NCO HN21   H  N N 157 
NCO HN22   H  N N 158 
NCO HN23   H  N N 159 
NCO HN31   H  N N 160 
NCO HN32   H  N N 161 
NCO HN33   H  N N 162 
NCO HN41   H  N N 163 
NCO HN42   H  N N 164 
NCO HN43   H  N N 165 
NCO HN51   H  N N 166 
NCO HN52   H  N N 167 
NCO HN53   H  N N 168 
NCO HN61   H  N N 169 
NCO HN62   H  N N 170 
NCO HN63   H  N N 171 
# 
loop_
_chem_comp_bond.comp_id 
_chem_comp_bond.atom_id_1 
_chem_comp_bond.atom_id_2 
_chem_comp_bond.value_order 
_chem_comp_bond.pdbx_aromatic_flag 
_chem_comp_bond.pdbx_stereo_config 
_chem_comp_bond.pdbx_ordinal 
DA  OP3   P      sing N N 1   
DA  OP3   HOP3   sing N N 2   
DA  P     OP1    doub N N 3   
DA  P     OP2    sing N N 4   
DA  P     "O5'"  sing N N 5   
DA  OP2   HOP2   sing N N 6   
DA  "O5'" "C5'"  sing N N 7   
DA  "C5'" "C4'"  sing N N 8   
DA  "C5'" "H5'"  sing N N 9   
DA  "C5'" "H5''" sing N N 10  
DA  "C4'" "O4'"  sing N N 11  
DA  "C4'" "C3'"  sing N N 12  
DA  "C4'" "H4'"  sing N N 13  
DA  "O4'" "C1'"  sing N N 14  
DA  "C3'" "O3'"  sing N N 15  
DA  "C3'" "C2'"  sing N N 16  
DA  "C3'" "H3'"  sing N N 17  
DA  "O3'" "HO3'" sing N N 18  
DA  "C2'" "C1'"  sing N N 19  
DA  "C2'" "H2'"  sing N N 20  
DA  "C2'" "H2''" sing N N 21  
DA  "C1'" N9     sing N N 22  
DA  "C1'" "H1'"  sing N N 23  
DA  N9    C8     sing Y N 24  
DA  N9    C4     sing Y N 25  
DA  C8    N7     doub Y N 26  
DA  C8    H8     sing N N 27  
DA  N7    C5     sing Y N 28  
DA  C5    C6     sing Y N 29  
DA  C5    C4     doub Y N 30  
DA  C6    N6     sing N N 31  
DA  C6    N1     doub Y N 32  
DA  N6    H61    sing N N 33  
DA  N6    H62    sing N N 34  
DA  N1    C2     sing Y N 35  
DA  C2    N3     doub Y N 36  
DA  C2    H2     sing N N 37  
DA  N3    C4     sing Y N 38  
DC  OP3   P      sing N N 39  
DC  OP3   HOP3   sing N N 40  
DC  P     OP1    doub N N 41  
DC  P     OP2    sing N N 42  
DC  P     "O5'"  sing N N 43  
DC  OP2   HOP2   sing N N 44  
DC  "O5'" "C5'"  sing N N 45  
DC  "C5'" "C4'"  sing N N 46  
DC  "C5'" "H5'"  sing N N 47  
DC  "C5'" "H5''" sing N N 48  
DC  "C4'" "O4'"  sing N N 49  
DC  "C4'" "C3'"  sing N N 50  
DC  "C4'" "H4'"  sing N N 51  
DC  "O4'" "C1'"  sing N N 52  
DC  "C3'" "O3'"  sing N N 53  
DC  "C3'" "C2'"  sing N N 54  
DC  "C3'" "H3'"  sing N N 55  
DC  "O3'" "HO3'" sing N N 56  
DC  "C2'" "C1'"  sing N N 57  
DC  "C2'" "H2'"  sing N N 58  
DC  "C2'" "H2''" sing N N 59  
DC  "C1'" N1     sing N N 60  
DC  "C1'" "H1'"  sing N N 61  
DC  N1    C2     sing N N 62  
DC  N1    C6     sing N N 63  
DC  C2    O2     doub N N 64  
DC  C2    N3     sing N N 65  
DC  N3    C4     doub N N 66  
DC  C4    N4     sing N N 67  
DC  C4    C5     sing N N 68  
DC  N4    H41    sing N N 69  
DC  N4    H42    sing N N 70  
DC  C5    C6     doub N N 71  
DC  C5    H5     sing N N 72  
DC  C6    H6     sing N N 73  
DG  OP3   P      sing N N 74  
DG  OP3   HOP3   sing N N 75  
DG  P     OP1    doub N N 76  
DG  P     OP2    sing N N 77  
DG  P     "O5'"  sing N N 78  
DG  OP2   HOP2   sing N N 79  
DG  "O5'" "C5'"  sing N N 80  
DG  "C5'" "C4'"  sing N N 81  
DG  "C5'" "H5'"  sing N N 82  
DG  "C5'" "H5''" sing N N 83  
DG  "C4'" "O4'"  sing N N 84  
DG  "C4'" "C3'"  sing N N 85  
DG  "C4'" "H4'"  sing N N 86  
DG  "O4'" "C1'"  sing N N 87  
DG  "C3'" "O3'"  sing N N 88  
DG  "C3'" "C2'"  sing N N 89  
DG  "C3'" "H3'"  sing N N 90  
DG  "O3'" "HO3'" sing N N 91  
DG  "C2'" "C1'"  sing N N 92  
DG  "C2'" "H2'"  sing N N 93  
DG  "C2'" "H2''" sing N N 94  
DG  "C1'" N9     sing N N 95  
DG  "C1'" "H1'"  sing N N 96  
DG  N9    C8     sing Y N 97  
DG  N9    C4     sing Y N 98  
DG  C8    N7     doub Y N 99  
DG  C8    H8     sing N N 100 
DG  N7    C5     sing Y N 101 
DG  C5    C6     sing N N 102 
DG  C5    C4     doub Y N 103 
DG  C6    O6     doub N N 104 
DG  C6    N1     sing N N 105 
DG  N1    C2     sing N N 106 
DG  N1    H1     sing N N 107 
DG  C2    N2     sing N N 108 
DG  C2    N3     doub N N 109 
DG  N2    H21    sing N N 110 
DG  N2    H22    sing N N 111 
DG  N3    C4     sing N N 112 
DT  OP3   P      sing N N 113 
DT  OP3   HOP3   sing N N 114 
DT  P     OP1    doub N N 115 
DT  P     OP2    sing N N 116 
DT  P     "O5'"  sing N N 117 
DT  OP2   HOP2   sing N N 118 
DT  "O5'" "C5'"  sing N N 119 
DT  "C5'" "C4'"  sing N N 120 
DT  "C5'" "H5'"  sing N N 121 
DT  "C5'" "H5''" sing N N 122 
DT  "C4'" "O4'"  sing N N 123 
DT  "C4'" "C3'"  sing N N 124 
DT  "C4'" "H4'"  sing N N 125 
DT  "O4'" "C1'"  sing N N 126 
DT  "C3'" "O3'"  sing N N 127 
DT  "C3'" "C2'"  sing N N 128 
DT  "C3'" "H3'"  sing N N 129 
DT  "O3'" "HO3'" sing N N 130 
DT  "C2'" "C1'"  sing N N 131 
DT  "C2'" "H2'"  sing N N 132 
DT  "C2'" "H2''" sing N N 133 
DT  "C1'" N1     sing N N 134 
DT  "C1'" "H1'"  sing N N 135 
DT  N1    C2     sing N N 136 
DT  N1    C6     sing N N 137 
DT  C2    O2     doub N N 138 
DT  C2    N3     sing N N 139 
DT  N3    C4     sing N N 140 
DT  N3    H3     sing N N 141 
DT  C4    O4     doub N N 142 
DT  C4    C5     sing N N 143 
DT  C5    C7     sing N N 144 
DT  C5    C6     doub N N 145 
DT  C7    H71    sing N N 146 
DT  C7    H72    sing N N 147 
DT  C7    H73    sing N N 148 
DT  C6    H6     sing N N 149 
HOH O     H1     sing N N 150 
HOH O     H2     sing N N 151 
NCO CO    N1     sing N N 152 
NCO CO    N2     sing N N 153 
NCO CO    N3     sing N N 154 
NCO CO    N4     sing N N 155 
NCO CO    N5     sing N N 156 
NCO CO    N6     sing N N 157 
NCO N1    HN11   sing N N 158 
NCO N1    HN12   sing N N 159 
NCO N1    HN13   sing N N 160 
NCO N2    HN21   sing N N 161 
NCO N2    HN22   sing N N 162 
NCO N2    HN23   sing N N 163 
NCO N3    HN31   sing N N 164 
NCO N3    HN32   sing N N 165 
NCO N3    HN33   sing N N 166 
NCO N4    HN41   sing N N 167 
NCO N4    HN42   sing N N 168 
NCO N4    HN43   sing N N 169 
NCO N5    HN51   sing N N 170 
NCO N5    HN52   sing N N 171 
NCO N5    HN53   sing N N 172 
NCO N6    HN61   sing N N 173 
NCO N6    HN62   sing N N 174 
NCO N6    HN63   sing N N 175 
# 
_ndb_struct_conf_na.entry_id   1XAM 
_ndb_struct_conf_na.feature    'z-form double helix' 
# 
loop_
_ndb_struct_na_base_pair.model_number 
_ndb_struct_na_base_pair.i_label_asym_id 
_ndb_struct_na_base_pair.i_label_comp_id 
_ndb_struct_na_base_pair.i_label_seq_id 
_ndb_struct_na_base_pair.i_symmetry 
_ndb_struct_na_base_pair.j_label_asym_id 
_ndb_struct_na_base_pair.j_label_comp_id 
_ndb_struct_na_base_pair.j_label_seq_id 
_ndb_struct_na_base_pair.j_symmetry 
_ndb_struct_na_base_pair.shear 
_ndb_struct_na_base_pair.stretch 
_ndb_struct_na_base_pair.stagger 
_ndb_struct_na_base_pair.buckle 
_ndb_struct_na_base_pair.propeller 
_ndb_struct_na_base_pair.opening 
_ndb_struct_na_base_pair.pair_number 
_ndb_struct_na_base_pair.pair_name 
_ndb_struct_na_base_pair.i_auth_asym_id 
_ndb_struct_na_base_pair.i_auth_seq_id 
_ndb_struct_na_base_pair.i_PDB_ins_code 
_ndb_struct_na_base_pair.j_auth_asym_id 
_ndb_struct_na_base_pair.j_auth_seq_id 
_ndb_struct_na_base_pair.j_PDB_ins_code 
_ndb_struct_na_base_pair.hbond_type_28 
_ndb_struct_na_base_pair.hbond_type_12 
1 A DC 1 1_555 B DG 6 1_555 -1.004 -0.218 0.460 -5.046 4.963  -5.073 1 A_DC1:DG12_B  A 1  ? B 12 ? 19 1 
1 A DG 2 1_555 B DC 5 1_555 0.280  -0.200 0.357 -0.933 1.161  3.523  2 A_DG2:DC11_B  A 2  ? B 11 ? 19 1 
1 A DC 3 1_555 B DG 4 1_555 -0.356 -0.140 0.539 -6.636 0.117  0.337  3 A_DC3:DG10_B  A 3  ? B 10 ? 19 1 
1 A DG 4 1_555 B DC 3 1_555 0.666  -0.210 0.157 -5.398 7.125  1.835  4 A_DG4:DC9_B   A 4  ? B 9  ? 19 1 
1 A DC 5 1_555 B DG 2 1_555 -0.625 -0.118 0.528 -5.963 3.626  -1.155 5 A_DC5:DG8_B   A 5  ? B 8  ? 19 1 
1 A DA 6 1_555 B DT 1 1_555 0.661  -0.165 0.127 -5.276 5.505  5.573  6 A_DA6:DT7_B   A 6  ? B 7  ? 20 1 
1 C DT 1 1_555 D DG 2 1_555 -0.393 -0.353 0.010 4.632  -1.552 4.934  7 D_DT13:DG16_E D 13 ? E 16 ? 28 1 
1 C DG 2 1_555 D DT 1 1_555 0.237  -0.236 0.043 -5.011 8.435  4.451  8 D_DG14:DT15_E D 14 ? E 15 ? ?  1 
# 
loop_
_ndb_struct_na_base_pair_step.model_number 
_ndb_struct_na_base_pair_step.i_label_asym_id_1 
_ndb_struct_na_base_pair_step.i_label_comp_id_1 
_ndb_struct_na_base_pair_step.i_label_seq_id_1 
_ndb_struct_na_base_pair_step.i_symmetry_1 
_ndb_struct_na_base_pair_step.j_label_asym_id_1 
_ndb_struct_na_base_pair_step.j_label_comp_id_1 
_ndb_struct_na_base_pair_step.j_label_seq_id_1 
_ndb_struct_na_base_pair_step.j_symmetry_1 
_ndb_struct_na_base_pair_step.i_label_asym_id_2 
_ndb_struct_na_base_pair_step.i_label_comp_id_2 
_ndb_struct_na_base_pair_step.i_label_seq_id_2 
_ndb_struct_na_base_pair_step.i_symmetry_2 
_ndb_struct_na_base_pair_step.j_label_asym_id_2 
_ndb_struct_na_base_pair_step.j_label_comp_id_2 
_ndb_struct_na_base_pair_step.j_label_seq_id_2 
_ndb_struct_na_base_pair_step.j_symmetry_2 
_ndb_struct_na_base_pair_step.shift 
_ndb_struct_na_base_pair_step.slide 
_ndb_struct_na_base_pair_step.rise 
_ndb_struct_na_base_pair_step.tilt 
_ndb_struct_na_base_pair_step.roll 
_ndb_struct_na_base_pair_step.twist 
_ndb_struct_na_base_pair_step.x_displacement 
_ndb_struct_na_base_pair_step.y_displacement 
_ndb_struct_na_base_pair_step.helical_rise 
_ndb_struct_na_base_pair_step.inclination 
_ndb_struct_na_base_pair_step.tip 
_ndb_struct_na_base_pair_step.helical_twist 
_ndb_struct_na_base_pair_step.step_number 
_ndb_struct_na_base_pair_step.step_name 
_ndb_struct_na_base_pair_step.i_auth_asym_id_1 
_ndb_struct_na_base_pair_step.i_auth_seq_id_1 
_ndb_struct_na_base_pair_step.i_PDB_ins_code_1 
_ndb_struct_na_base_pair_step.j_auth_asym_id_1 
_ndb_struct_na_base_pair_step.j_auth_seq_id_1 
_ndb_struct_na_base_pair_step.j_PDB_ins_code_1 
_ndb_struct_na_base_pair_step.i_auth_asym_id_2 
_ndb_struct_na_base_pair_step.i_auth_seq_id_2 
_ndb_struct_na_base_pair_step.i_PDB_ins_code_2 
_ndb_struct_na_base_pair_step.j_auth_asym_id_2 
_ndb_struct_na_base_pair_step.j_auth_seq_id_2 
_ndb_struct_na_base_pair_step.j_PDB_ins_code_2 
1 A DC 1 1_555 B DG 6 1_555 A DG 2 1_555 B DC 5 1_555 0.229  5.211  3.569 -1.493 -0.040 -5.026  -56.667 -8.762 3.526  0.442   
-16.547 -5.243  1 AA_DC1DG2:DC11DG12_BB   A 1  ? B 12 ? A 2  ? B 11 ? 
1 A DG 2 1_555 B DC 5 1_555 A DC 3 1_555 B DG 4 1_555 -0.147 -1.207 3.571 -2.274 -4.199 -51.164 1.702   -0.338 3.459  4.849   
-2.627  -51.371 2 AA_DG2DC3:DG10DC11_BB   A 2  ? B 11 ? A 3  ? B 10 ? 
1 A DC 3 1_555 B DG 4 1_555 A DG 4 1_555 B DC 3 1_555 0.322  5.262  3.657 3.045  1.266  -6.685  -44.545 12.264 2.256  -10.089 
24.266  -7.453  3 AA_DC3DG4:DC9DG10_BB    A 3  ? B 10 ? A 4  ? B 9  ? 
1 A DG 4 1_555 B DC 3 1_555 A DC 5 1_555 B DG 2 1_555 -0.034 -1.035 3.381 -3.867 -8.014 -54.746 1.588   -0.266 3.203  8.651   
-4.174  -55.409 4 AA_DG4DC5:DG8DC9_BB     A 4  ? B 9  ? A 5  ? B 8  ? 
1 A DC 5 1_555 B DG 2 1_555 A DA 6 1_555 B DT 1 1_555 0.502  5.356  3.710 1.703  5.063  -6.990  -42.201 5.718  -0.227 -35.471 
11.931  -8.795  5 AA_DC5DA6:DT7DG8_BB     A 5  ? B 8  ? A 6  ? B 7  ? 
1 C DT 1 1_555 D DG 2 1_555 C DG 2 1_555 D DT 1 1_555 0.015  5.316  3.686 0.597  -0.125 -7.513  -39.968 2.359  3.760  0.950   
4.544   -7.538  6 DD_DT13DG14:DT15DG16_EE D 13 ? E 16 ? D 14 ? E 15 ? 
# 
_pdbx_initial_refinement_model.accession_code   ? 
_pdbx_initial_refinement_model.id               1 
_pdbx_initial_refinement_model.entity_id_list   ? 
_pdbx_initial_refinement_model.type             'experimental model' 
_pdbx_initial_refinement_model.source_name      Other 
_pdbx_initial_refinement_model.details          'Z-DNA hexamer with terminal base pairs replaced with A-T base pair.' 
# 
_atom_sites.entry_id                    1XAM 
_atom_sites.fract_transf_matrix[1][1]   -0.01570175 
_atom_sites.fract_transf_matrix[1][2]   -0.02555080 
_atom_sites.fract_transf_matrix[1][3]   0.01238351 
_atom_sites.fract_transf_matrix[2][1]   0.00602434 
_atom_sites.fract_transf_matrix[2][2]   -0.02979790 
_atom_sites.fract_transf_matrix[2][3]   -0.01133733 
_atom_sites.fract_transf_matrix[3][1]   0.01622896 
_atom_sites.fract_transf_matrix[3][2]   -0.00254796 
_atom_sites.fract_transf_matrix[3][3]   0.01532042 
_atom_sites.fract_transf_vector[1]      0.992795 
_atom_sites.fract_transf_vector[2]      0.364181 
_atom_sites.fract_transf_vector[3]      -0.000232 
# 
loop_
_atom_type.symbol 
C  
CO 
N  
O  
P  
# 
loop_
_atom_site.group_PDB 
_atom_site.id 
_atom_site.type_symbol 
_atom_site.label_atom_id 
_atom_site.label_alt_id 
_atom_site.label_comp_id 
_atom_site.label_asym_id 
_atom_site.label_entity_id 
_atom_site.label_seq_id 
_atom_site.pdbx_PDB_ins_code 
_atom_site.Cartn_x 
_atom_site.Cartn_y 
_atom_site.Cartn_z 
_atom_site.occupancy 
_atom_site.B_iso_or_equiv 
_atom_site.pdbx_formal_charge 
_atom_site.auth_seq_id 
_atom_site.auth_comp_id 
_atom_site.auth_asym_id 
_atom_site.auth_atom_id 
_atom_site.pdbx_PDB_model_num 
ATOM   1   O  "O5'" . DC  A 1 1 ? 14.179  1.447   4.324   1.00 22.98 ? 1  DC  A "O5'" 1 
ATOM   2   C  "C5'" . DC  A 1 1 ? 12.820  1.895   4.277   1.00 24.94 ? 1  DC  A "C5'" 1 
ATOM   3   C  "C4'" . DC  A 1 1 ? 11.830  0.904   4.884   1.00 19.72 ? 1  DC  A "C4'" 1 
ATOM   4   O  "O4'" . DC  A 1 1 ? 11.735  -0.245  3.993   1.00 22.66 ? 1  DC  A "O4'" 1 
ATOM   5   C  "C3'" . DC  A 1 1 ? 12.155  0.327   6.262   1.00 23.90 ? 1  DC  A "C3'" 1 
ATOM   6   O  "O3'" . DC  A 1 1 ? 10.949  0.051   7.036   1.00 29.66 ? 1  DC  A "O3'" 1 
ATOM   7   C  "C2'" . DC  A 1 1 ? 12.887  -0.951  5.852   1.00 19.93 ? 1  DC  A "C2'" 1 
ATOM   8   C  "C1'" . DC  A 1 1 ? 12.018  -1.444  4.693   1.00 22.63 ? 1  DC  A "C1'" 1 
ATOM   9   N  N1    . DC  A 1 1 ? 12.705  -2.449  3.782   1.00 17.00 ? 1  DC  A N1    1 
ATOM   10  C  C2    . DC  A 1 1 ? 12.499  -3.846  3.853   1.00 24.15 ? 1  DC  A C2    1 
ATOM   11  O  O2    . DC  A 1 1 ? 11.716  -4.347  4.674   1.00 21.59 ? 1  DC  A O2    1 
ATOM   12  N  N3    . DC  A 1 1 ? 13.182  -4.644  2.989   1.00 23.44 ? 1  DC  A N3    1 
ATOM   13  C  C4    . DC  A 1 1 ? 14.033  -4.129  2.095   1.00 18.36 ? 1  DC  A C4    1 
ATOM   14  N  N4    . DC  A 1 1 ? 14.687  -4.941  1.257   1.00 17.89 ? 1  DC  A N4    1 
ATOM   15  C  C5    . DC  A 1 1 ? 14.252  -2.732  2.007   1.00 19.47 ? 1  DC  A C5    1 
ATOM   16  C  C6    . DC  A 1 1 ? 13.575  -1.955  2.855   1.00 17.10 ? 1  DC  A C6    1 
ATOM   17  P  P     . DG  A 1 2 ? 10.294  1.221   7.920   1.00 31.28 ? 2  DG  A P     1 
ATOM   18  O  OP1   . DG  A 1 2 ? 11.409  1.997   8.483   1.00 30.76 ? 2  DG  A OP1   1 
ATOM   19  O  OP2   . DG  A 1 2 ? 9.237   0.695   8.822   1.00 38.82 ? 2  DG  A OP2   1 
ATOM   20  O  "O5'" . DG  A 1 2 ? 9.681   2.244   6.862   1.00 26.42 ? 2  DG  A "O5'" 1 
ATOM   21  C  "C5'" . DG  A 1 2 ? 8.753   1.874   5.878   1.00 23.34 ? 2  DG  A "C5'" 1 
ATOM   22  C  "C4'" . DG  A 1 2 ? 8.344   3.124   5.131   1.00 20.90 ? 2  DG  A "C4'" 1 
ATOM   23  O  "O4'" . DG  A 1 2 ? 9.415   3.375   4.206   1.00 23.47 ? 2  DG  A "O4'" 1 
ATOM   24  C  "C3'" . DG  A 1 2 ? 7.094   2.942   4.276   1.00 24.80 ? 2  DG  A "C3'" 1 
ATOM   25  O  "O3'" . DG  A 1 2 ? 5.978   3.662   4.791   1.00 34.32 ? 2  DG  A "O3'" 1 
ATOM   26  C  "C2'" . DG  A 1 2 ? 7.423   3.519   2.907   1.00 19.56 ? 2  DG  A "C2'" 1 
ATOM   27  C  "C1'" . DG  A 1 2 ? 8.912   3.788   2.959   1.00 23.49 ? 2  DG  A "C1'" 1 
ATOM   28  N  N9    . DG  A 1 2 ? 9.647   2.939   2.060   1.00 22.13 ? 2  DG  A N9    1 
ATOM   29  C  C8    . DG  A 1 2 ? 10.570  3.358   1.145   1.00 17.78 ? 2  DG  A C8    1 
ATOM   30  N  N7    . DG  A 1 2 ? 11.095  2.369   0.487   1.00 20.86 ? 2  DG  A N7    1 
ATOM   31  C  C5    . DG  A 1 2 ? 10.492  1.229   1.013   1.00 22.57 ? 2  DG  A C5    1 
ATOM   32  C  C6    . DG  A 1 2 ? 10.695  -0.136  0.679   1.00 23.19 ? 2  DG  A C6    1 
ATOM   33  O  O6    . DG  A 1 2 ? 11.463  -0.605  -0.173  1.00 20.93 ? 2  DG  A O6    1 
ATOM   34  N  N1    . DG  A 1 2 ? 9.896   -0.986  1.441   1.00 21.93 ? 2  DG  A N1    1 
ATOM   35  C  C2    . DG  A 1 2 ? 9.023   -0.549  2.407   1.00 23.70 ? 2  DG  A C2    1 
ATOM   36  N  N2    . DG  A 1 2 ? 8.356   -1.522  3.033   1.00 12.83 ? 2  DG  A N2    1 
ATOM   37  N  N3    . DG  A 1 2 ? 8.823   0.724   2.743   1.00 13.67 ? 2  DG  A N3    1 
ATOM   38  C  C4    . DG  A 1 2 ? 9.591   1.562   1.997   1.00 24.00 ? 2  DG  A C4    1 
ATOM   39  P  P     . DC  A 1 3 ? 4.584   2.956   5.172   1.00 39.20 ? 3  DC  A P     1 
ATOM   40  O  OP1   . DC  A 1 3 ? 3.579   4.031   5.391   1.00 37.03 ? 3  DC  A OP1   1 
ATOM   41  O  OP2   . DC  A 1 3 ? 4.788   2.044   6.308   1.00 34.63 ? 3  DC  A OP2   1 
ATOM   42  O  "O5'" . DC  A 1 3 ? 4.267   2.010   3.911   1.00 25.87 ? 3  DC  A "O5'" 1 
ATOM   43  C  "C5'" . DC  A 1 3 ? 2.928   1.587   3.677   1.00 24.20 ? 3  DC  A "C5'" 1 
ATOM   44  C  "C4'" . DC  A 1 3 ? 2.838   0.137   3.253   1.00 18.14 ? 3  DC  A "C4'" 1 
ATOM   45  O  "O4'" . DC  A 1 3 ? 3.426   0.084   1.928   1.00 22.10 ? 3  DC  A "O4'" 1 
ATOM   46  C  "C3'" . DC  A 1 3 ? 3.630   -0.829  4.121   1.00 20.03 ? 3  DC  A "C3'" 1 
ATOM   47  O  "O3'" . DC  A 1 3 ? 2.972   -2.118  4.204   1.00 27.00 ? 3  DC  A "O3'" 1 
ATOM   48  C  "C2'" . DC  A 1 3 ? 4.974   -0.831  3.382   1.00 19.23 ? 3  DC  A "C2'" 1 
ATOM   49  C  "C1'" . DC  A 1 3 ? 4.519   -0.811  1.927   1.00 22.06 ? 3  DC  A "C1'" 1 
ATOM   50  N  N1    . DC  A 1 3 ? 5.571   -0.398  0.924   1.00 16.41 ? 3  DC  A N1    1 
ATOM   51  C  C2    . DC  A 1 3 ? 6.157   -1.371  0.092   1.00 22.11 ? 3  DC  A C2    1 
ATOM   52  O  O2    . DC  A 1 3 ? 5.821   -2.567  0.164   1.00 25.48 ? 3  DC  A O2    1 
ATOM   53  N  N3    . DC  A 1 3 ? 7.102   -0.971  -0.793  1.00 22.26 ? 3  DC  A N3    1 
ATOM   54  C  C4    . DC  A 1 3 ? 7.468   0.309   -0.882  1.00 22.27 ? 3  DC  A C4    1 
ATOM   55  N  N4    . DC  A 1 3 ? 8.406   0.624   -1.784  1.00 18.67 ? 3  DC  A N4    1 
ATOM   56  C  C5    . DC  A 1 3 ? 6.891   1.313   -0.048  1.00 16.62 ? 3  DC  A C5    1 
ATOM   57  C  C6    . DC  A 1 3 ? 5.957   0.913   0.827   1.00 24.67 ? 3  DC  A C6    1 
ATOM   58  P  P     . DG  A 1 4 ? 1.890   -2.455  5.343   1.00 28.86 ? 4  DG  A P     1 
ATOM   59  O  OP1   . DG  A 1 4 ? 2.277   -1.825  6.628   1.00 26.80 ? 4  DG  A OP1   1 
ATOM   60  O  OP2   . DG  A 1 4 ? 1.600   -3.899  5.181   1.00 33.90 ? 4  DG  A OP2   1 
ATOM   61  O  "O5'" . DG  A 1 4 ? 0.595   -1.620  4.966   1.00 30.97 ? 4  DG  A "O5'" 1 
ATOM   62  C  "C5'" . DG  A 1 4 ? -0.057  -1.817  3.754   1.00 19.29 ? 4  DG  A "C5'" 1 
ATOM   63  C  "C4'" . DG  A 1 4 ? -1.206  -0.843  3.743   1.00 21.30 ? 4  DG  A "C4'" 1 
ATOM   64  O  "O4'" . DG  A 1 4 ? -0.571  0.414   3.496   1.00 20.80 ? 4  DG  A "O4'" 1 
ATOM   65  C  "C3'" . DG  A 1 4 ? -2.178  -1.028  2.585   1.00 22.36 ? 4  DG  A "C3'" 1 
ATOM   66  O  "O3'" . DG  A 1 4 ? -3.405  -1.577  3.012   1.00 37.55 ? 4  DG  A "O3'" 1 
ATOM   67  C  "C2'" . DG  A 1 4 ? -2.417  0.347   1.978   1.00 17.22 ? 4  DG  A "C2'" 1 
ATOM   68  C  "C1'" . DG  A 1 4 ? -1.365  1.204   2.656   1.00 23.77 ? 4  DG  A "C1'" 1 
ATOM   69  N  N9    . DG  A 1 4 ? -0.416  1.726   1.710   1.00 23.91 ? 4  DG  A N9    1 
ATOM   70  C  C8    . DG  A 1 4 ? -0.133  3.049   1.520   1.00 23.62 ? 4  DG  A C8    1 
ATOM   71  N  N7    . DG  A 1 4 ? 0.768   3.241   0.614   1.00 20.45 ? 4  DG  A N7    1 
ATOM   72  C  C5    . DG  A 1 4 ? 1.093   1.967   0.188   1.00 25.07 ? 4  DG  A C5    1 
ATOM   73  C  C6    . DG  A 1 4 ? 2.030   1.604   -0.787  1.00 31.57 ? 4  DG  A C6    1 
ATOM   74  O  O6    . DG  A 1 4 ? 2.732   2.366   -1.452  1.00 35.90 ? 4  DG  A O6    1 
ATOM   75  N  N1    . DG  A 1 4 ? 2.097   0.229   -0.951  1.00 25.82 ? 4  DG  A N1    1 
ATOM   76  C  C2    . DG  A 1 4 ? 1.327   -0.655  -0.228  1.00 25.12 ? 4  DG  A C2    1 
ATOM   77  N  N2    . DG  A 1 4 ? 1.506   -1.947  -0.487  1.00 13.13 ? 4  DG  A N2    1 
ATOM   78  N  N3    . DG  A 1 4 ? 0.445   -0.338  0.709   1.00 15.38 ? 4  DG  A N3    1 
ATOM   79  C  C4    . DG  A 1 4 ? 0.381   1.005   0.855   1.00 24.81 ? 4  DG  A C4    1 
ATOM   80  P  P     . DC  A 1 5 ? -3.936  -2.898  2.266   1.00 47.79 ? 5  DC  A P     1 
ATOM   81  O  OP1   . DC  A 1 5 ? -5.413  -2.808  2.367   1.00 47.76 ? 5  DC  A OP1   1 
ATOM   82  O  OP2   . DC  A 1 5 ? -3.128  -4.054  2.731   1.00 45.11 ? 5  DC  A OP2   1 
ATOM   83  O  "O5'" . DC  A 1 5 ? -3.600  -2.867  0.697   1.00 25.71 ? 5  DC  A "O5'" 1 
ATOM   84  C  "C5'" . DC  A 1 5 ? -4.387  -3.725  -0.162  1.00 27.15 ? 5  DC  A "C5'" 1 
ATOM   85  C  "C4'" . DC  A 1 5 ? -3.650  -4.201  -1.401  1.00 25.04 ? 5  DC  A "C4'" 1 
ATOM   86  O  "O4'" . DC  A 1 5 ? -3.430  -3.079  -2.301  1.00 28.27 ? 5  DC  A "O4'" 1 
ATOM   87  C  "C3'" . DC  A 1 5 ? -2.273  -4.786  -1.141  1.00 26.48 ? 5  DC  A "C3'" 1 
ATOM   88  O  "O3'" . DC  A 1 5 ? -1.953  -5.689  -2.168  1.00 24.74 ? 5  DC  A "O3'" 1 
ATOM   89  C  "C2'" . DC  A 1 5 ? -1.393  -3.555  -1.287  1.00 20.96 ? 5  DC  A "C2'" 1 
ATOM   90  C  "C1'" . DC  A 1 5 ? -2.038  -2.894  -2.497  1.00 26.63 ? 5  DC  A "C1'" 1 
ATOM   91  N  N1    . DC  A 1 5 ? -1.660  -1.448  -2.572  1.00 20.60 ? 5  DC  A N1    1 
ATOM   92  C  C2    . DC  A 1 5 ? -0.690  -1.009  -3.494  1.00 22.13 ? 5  DC  A C2    1 
ATOM   93  O  O2    . DC  A 1 5 ? -0.133  -1.784  -4.286  1.00 22.90 ? 5  DC  A O2    1 
ATOM   94  N  N3    . DC  A 1 5 ? -0.366  0.299   -3.518  1.00 21.36 ? 5  DC  A N3    1 
ATOM   95  C  C4    . DC  A 1 5 ? -0.933  1.167   -2.691  1.00 17.98 ? 5  DC  A C4    1 
ATOM   96  N  N4    . DC  A 1 5 ? -0.548  2.446   -2.798  1.00 13.83 ? 5  DC  A N4    1 
ATOM   97  C  C5    . DC  A 1 5 ? -1.915  0.747   -1.745  1.00 21.11 ? 5  DC  A C5    1 
ATOM   98  C  C6    . DC  A 1 5 ? -2.243  -0.554  -1.717  1.00 25.88 ? 5  DC  A C6    1 
ATOM   99  P  P     . DA  A 1 6 ? -2.283  -7.249  -2.093  1.00 33.67 ? 6  DA  A P     1 
ATOM   100 O  OP1   . DA  A 1 6 ? -1.977  -7.791  -0.751  1.00 30.16 ? 6  DA  A OP1   1 
ATOM   101 O  OP2   . DA  A 1 6 ? -1.713  -7.806  -3.342  1.00 41.60 ? 6  DA  A OP2   1 
ATOM   102 O  "O5'" . DA  A 1 6 ? -3.866  -7.338  -2.119  1.00 32.30 ? 6  DA  A "O5'" 1 
ATOM   103 C  "C5'" . DA  A 1 6 ? -4.551  -7.165  -3.296  1.00 25.89 ? 6  DA  A "C5'" 1 
ATOM   104 C  "C4'" . DA  A 1 6 ? -5.983  -7.463  -2.970  1.00 26.73 ? 6  DA  A "C4'" 1 
ATOM   105 O  "O4'" . DA  A 1 6 ? -6.497  -6.323  -2.253  1.00 25.82 ? 6  DA  A "O4'" 1 
ATOM   106 C  "C3'" . DA  A 1 6 ? -6.797  -7.632  -4.234  1.00 28.30 ? 6  DA  A "C3'" 1 
ATOM   107 O  "O3'" . DA  A 1 6 ? -7.635  -8.756  -4.101  1.00 34.96 ? 6  DA  A "O3'" 1 
ATOM   108 C  "C2'" . DA  A 1 6 ? -7.629  -6.364  -4.331  1.00 28.31 ? 6  DA  A "C2'" 1 
ATOM   109 C  "C1'" . DA  A 1 6 ? -7.628  -5.821  -2.912  1.00 25.54 ? 6  DA  A "C1'" 1 
ATOM   110 N  N9    . DA  A 1 6 ? -7.399  -4.400  -2.935  1.00 22.00 ? 6  DA  A N9    1 
ATOM   111 C  C8    . DA  A 1 6 ? -8.076  -3.470  -2.208  1.00 22.71 ? 6  DA  A C8    1 
ATOM   112 N  N7    . DA  A 1 6 ? -7.650  -2.255  -2.446  1.00 27.45 ? 6  DA  A N7    1 
ATOM   113 C  C5    . DA  A 1 6 ? -6.631  -2.412  -3.383  1.00 25.81 ? 6  DA  A C5    1 
ATOM   114 C  C6    . DA  A 1 6 ? -5.764  -1.507  -4.038  1.00 29.84 ? 6  DA  A C6    1 
ATOM   115 N  N6    . DA  A 1 6 ? -5.816  -0.189  -3.823  1.00 29.01 ? 6  DA  A N6    1 
ATOM   116 N  N1    . DA  A 1 6 ? -4.851  -1.988  -4.921  1.00 27.91 ? 6  DA  A N1    1 
ATOM   117 C  C2    . DA  A 1 6 ? -4.789  -3.308  -5.140  1.00 25.37 ? 6  DA  A C2    1 
ATOM   118 N  N3    . DA  A 1 6 ? -5.550  -4.247  -4.570  1.00 16.43 ? 6  DA  A N3    1 
ATOM   119 C  C4    . DA  A 1 6 ? -6.456  -3.739  -3.700  1.00 25.62 ? 6  DA  A C4    1 
ATOM   120 O  "O5'" . DT  B 2 1 ? 0.569   3.004   -9.704  1.00 31.66 ? 7  DT  B "O5'" 1 
ATOM   121 C  "C5'" . DT  B 2 1 ? 1.793   2.294   -9.667  1.00 21.95 ? 7  DT  B "C5'" 1 
ATOM   122 C  "C4'" . DT  B 2 1 ? 1.528   0.848   -9.333  1.00 19.29 ? 7  DT  B "C4'" 1 
ATOM   123 O  "O4'" . DT  B 2 1 ? 0.906   0.785   -8.022  1.00 25.08 ? 7  DT  B "O4'" 1 
ATOM   124 C  "C3'" . DT  B 2 1 ? 0.570   0.154   -10.281 1.00 23.85 ? 7  DT  B "C3'" 1 
ATOM   125 O  "O3'" . DT  B 2 1 ? 0.976   -1.207  -10.363 1.00 20.31 ? 7  DT  B "O3'" 1 
ATOM   126 C  "C2'" . DT  B 2 1 ? -0.778  0.335   -9.578  1.00 22.41 ? 7  DT  B "C2'" 1 
ATOM   127 C  "C1'" . DT  B 2 1 ? -0.355  0.156   -8.120  1.00 24.44 ? 7  DT  B "C1'" 1 
ATOM   128 N  N1    . DT  B 2 1 ? -1.330  0.715   -7.113  1.00 21.35 ? 7  DT  B N1    1 
ATOM   129 C  C2    . DT  B 2 1 ? -2.255  -0.164  -6.593  1.00 25.12 ? 7  DT  B C2    1 
ATOM   130 O  O2    . DT  B 2 1 ? -2.296  -1.341  -6.907  1.00 24.58 ? 7  DT  B O2    1 
ATOM   131 N  N3    . DT  B 2 1 ? -3.132  0.376   -5.689  1.00 23.26 ? 7  DT  B N3    1 
ATOM   132 C  C4    . DT  B 2 1 ? -3.184  1.686   -5.261  1.00 19.50 ? 7  DT  B C4    1 
ATOM   133 O  O4    . DT  B 2 1 ? -4.020  2.062   -4.442  1.00 25.80 ? 7  DT  B O4    1 
ATOM   134 C  C5    . DT  B 2 1 ? -2.191  2.559   -5.845  1.00 19.83 ? 7  DT  B C5    1 
ATOM   135 C  C7    . DT  B 2 1 ? -2.205  4.024   -5.535  1.00 33.46 ? 7  DT  B C7    1 
ATOM   136 C  C6    . DT  B 2 1 ? -1.319  2.046   -6.730  1.00 24.16 ? 7  DT  B C6    1 
ATOM   137 P  P     . DG  B 2 2 ? 1.821   -1.731  -11.619 1.00 25.40 ? 8  DG  B P     1 
ATOM   138 O  OP1   . DG  B 2 2 ? 1.348   -1.087  -12.866 1.00 27.46 ? 8  DG  B OP1   1 
ATOM   139 O  OP2   . DG  B 2 2 ? 1.894   -3.207  -11.605 1.00 23.80 ? 8  DG  B OP2   1 
ATOM   140 O  "O5'" . DG  B 2 2 ? 3.271   -1.182  -11.241 1.00 19.08 ? 8  DG  B "O5'" 1 
ATOM   141 C  "C5'" . DG  B 2 2 ? 3.915   -1.697  -10.083 1.00 25.63 ? 8  DG  B "C5'" 1 
ATOM   142 C  "C4'" . DG  B 2 2 ? 5.238   -0.984  -9.863  1.00 28.85 ? 8  DG  B "C4'" 1 
ATOM   143 O  "O4'" . DG  B 2 2 ? 4.998   0.426   -9.675  1.00 18.90 ? 8  DG  B "O4'" 1 
ATOM   144 C  "C3'" . DG  B 2 2 ? 6.020   -1.431  -8.634  1.00 30.07 ? 8  DG  B "C3'" 1 
ATOM   145 O  "O3'" . DG  B 2 2 ? 7.094   -2.222  -9.038  1.00 44.74 ? 8  DG  B "O3'" 1 
ATOM   146 C  "C2'" . DG  B 2 2 ? 6.658   -0.181  -8.055  1.00 27.83 ? 8  DG  B "C2'" 1 
ATOM   147 C  "C1'" . DG  B 2 2 ? 5.882   0.947   -8.703  1.00 24.49 ? 8  DG  B "C1'" 1 
ATOM   148 N  N9    . DG  B 2 2 ? 5.075   1.608   -7.696  1.00 26.87 ? 8  DG  B N9    1 
ATOM   149 C  C8    . DG  B 2 2 ? 5.196   2.913   -7.311  1.00 26.16 ? 8  DG  B C8    1 
ATOM   150 N  N7    . DG  B 2 2 ? 4.343   3.245   -6.383  1.00 27.10 ? 8  DG  B N7    1 
ATOM   151 C  C5    . DG  B 2 2 ? 3.605   2.098   -6.134  1.00 27.67 ? 8  DG  B C5    1 
ATOM   152 C  C6    . DG  B 2 2 ? 2.537   1.894   -5.218  1.00 34.46 ? 8  DG  B C6    1 
ATOM   153 O  O6    . DG  B 2 2 ? 2.027   2.711   -4.430  1.00 38.71 ? 8  DG  B O6    1 
ATOM   154 N  N1    . DG  B 2 2 ? 2.065   0.584   -5.279  1.00 21.30 ? 8  DG  B N1    1 
ATOM   155 C  C2    . DG  B 2 2 ? 2.585   -0.381  -6.120  1.00 29.04 ? 8  DG  B C2    1 
ATOM   156 N  N2    . DG  B 2 2 ? 2.026   -1.596  -6.065  1.00 28.66 ? 8  DG  B N2    1 
ATOM   157 N  N3    . DG  B 2 2 ? 3.578   -0.195  -6.982  1.00 22.44 ? 8  DG  B N3    1 
ATOM   158 C  C4    . DG  B 2 2 ? 4.050   1.071   -6.937  1.00 24.85 ? 8  DG  B C4    1 
ATOM   159 P  P     . DC  B 2 3 ? 7.209   -3.744  -8.567  1.00 47.54 ? 9  DC  B P     1 
ATOM   160 O  OP1   . DC  B 2 3 ? 8.603   -4.130  -8.870  1.00 49.64 ? 9  DC  B OP1   1 
ATOM   161 O  OP2   . DC  B 2 3 ? 6.063   -4.465  -9.176  1.00 38.44 ? 9  DC  B OP2   1 
ATOM   162 O  "O5'" . DC  B 2 3 ? 7.143   -3.816  -6.963  1.00 26.55 ? 9  DC  B "O5'" 1 
ATOM   163 C  "C5'" . DC  B 2 3 ? 7.678   -4.996  -6.324  1.00 11.34 ? 9  DC  B "C5'" 1 
ATOM   164 C  "C4'" . DC  B 2 3 ? 6.891   -5.294  -5.074  1.00 13.84 ? 9  DC  B "C4'" 1 
ATOM   165 O  "O4'" . DC  B 2 3 ? 6.818   -4.090  -4.273  1.00 23.54 ? 9  DC  B "O4'" 1 
ATOM   166 C  "C3'" . DC  B 2 3 ? 5.459   -5.622  -5.434  1.00 15.27 ? 9  DC  B "C3'" 1 
ATOM   167 O  "O3'" . DC  B 2 3 ? 4.925   -6.562  -4.548  1.00 24.06 ? 9  DC  B "O3'" 1 
ATOM   168 C  "C2'" . DC  B 2 3 ? 4.724   -4.300  -5.262  1.00 19.21 ? 9  DC  B "C2'" 1 
ATOM   169 C  "C1'" . DC  B 2 3 ? 5.466   -3.733  -4.060  1.00 23.85 ? 9  DC  B "C1'" 1 
ATOM   170 N  N1    . DC  B 2 3 ? 5.402   -2.227  -3.833  1.00 24.64 ? 9  DC  B N1    1 
ATOM   171 C  C2    . DC  B 2 3 ? 4.421   -1.687  -2.999  1.00 25.81 ? 9  DC  B C2    1 
ATOM   172 O  O2    . DC  B 2 3 ? 3.614   -2.481  -2.501  1.00 28.73 ? 9  DC  B O2    1 
ATOM   173 N  N3    . DC  B 2 3 ? 4.369   -0.334  -2.783  1.00 26.56 ? 9  DC  B N3    1 
ATOM   174 C  C4    . DC  B 2 3 ? 5.251   0.492   -3.345  1.00 24.20 ? 9  DC  B C4    1 
ATOM   175 N  N4    . DC  B 2 3 ? 5.168   1.812   -3.104  1.00 22.39 ? 9  DC  B N4    1 
ATOM   176 C  C5    . DC  B 2 3 ? 6.263   -0.047  -4.186  1.00 21.84 ? 9  DC  B C5    1 
ATOM   177 C  C6    . DC  B 2 3 ? 6.305   -1.376  -4.396  1.00 30.19 ? 9  DC  B C6    1 
ATOM   178 P  P     . DG  B 2 4 ? 4.918   -8.090  -4.984  1.00 27.32 ? 10 DG  B P     1 
ATOM   179 O  OP1   . DG  B 2 4 ? 4.643   -8.193  -6.434  1.00 31.30 ? 10 DG  B OP1   1 
ATOM   180 O  OP2   . DG  B 2 4 ? 4.220   -8.904  -3.952  1.00 27.39 ? 10 DG  B OP2   1 
ATOM   181 O  "O5'" . DG  B 2 4 ? 6.478   -8.377  -4.890  1.00 21.74 ? 10 DG  B "O5'" 1 
ATOM   182 C  "C5'" . DG  B 2 4 ? 7.079   -8.385  -3.610  1.00 20.03 ? 10 DG  B "C5'" 1 
ATOM   183 C  "C4'" . DG  B 2 4 ? 8.547   -8.747  -3.703  1.00 20.59 ? 10 DG  B "C4'" 1 
ATOM   184 O  "O4'" . DG  B 2 4 ? 9.187   -7.829  -4.610  1.00 11.60 ? 10 DG  B "O4'" 1 
ATOM   185 C  "C3'" . DG  B 2 4 ? 9.321   -8.644  -2.394  1.00 20.49 ? 10 DG  B "C3'" 1 
ATOM   186 O  "O3'" . DG  B 2 4 ? 9.634   -9.942  -1.965  1.00 37.36 ? 10 DG  B "O3'" 1 
ATOM   187 C  "C2'" . DG  B 2 4 ? 10.697  -8.124  -2.772  1.00 25.31 ? 10 DG  B "C2'" 1 
ATOM   188 C  "C1'" . DG  B 2 4 ? 10.474  -7.494  -4.126  1.00 22.02 ? 10 DG  B "C1'" 1 
ATOM   189 N  N9    . DG  B 2 4 ? 10.540  -6.055  -3.997  1.00 27.09 ? 10 DG  B N9    1 
ATOM   190 C  C8    . DG  B 2 4 ? 11.420  -5.245  -4.656  1.00 24.04 ? 10 DG  B C8    1 
ATOM   191 N  N7    . DG  B 2 4 ? 11.269  -3.987  -4.361  1.00 31.47 ? 10 DG  B N7    1 
ATOM   192 C  C5    . DG  B 2 4 ? 10.215  -3.967  -3.461  1.00 28.31 ? 10 DG  B C5    1 
ATOM   193 C  C6    . DG  B 2 4 ? 9.609   -2.864  -2.820  1.00 25.92 ? 10 DG  B C6    1 
ATOM   194 O  O6    . DG  B 2 4 ? 9.932   -1.679  -2.943  1.00 27.30 ? 10 DG  B O6    1 
ATOM   195 N  N1    . DG  B 2 4 ? 8.570   -3.232  -1.965  1.00 22.85 ? 10 DG  B N1    1 
ATOM   196 C  C2    . DG  B 2 4 ? 8.169   -4.535  -1.773  1.00 24.88 ? 10 DG  B C2    1 
ATOM   197 N  N2    . DG  B 2 4 ? 7.140   -4.725  -0.926  1.00 20.48 ? 10 DG  B N2    1 
ATOM   198 N  N3    . DG  B 2 4 ? 8.730   -5.580  -2.388  1.00 24.33 ? 10 DG  B N3    1 
ATOM   199 C  C4    . DG  B 2 4 ? 9.749   -5.230  -3.218  1.00 26.85 ? 10 DG  B C4    1 
ATOM   200 P  P     . DC  B 2 5 ? 9.070   -10.668 -0.663  1.00 41.58 ? 11 DC  B P     1 
ATOM   201 O  OP1   . DC  B 2 5 ? 9.815   -11.952 -0.640  1.00 39.49 ? 11 DC  B OP1   1 
ATOM   202 O  OP2   . DC  B 2 5 ? 7.589   -10.624 -0.705  1.00 26.71 ? 11 DC  B OP2   1 
ATOM   203 O  "O5'" . DC  B 2 5 ? 9.559   -9.761  0.560   1.00 24.16 ? 11 DC  B "O5'" 1 
ATOM   204 C  "C5'" . DC  B 2 5 ? 9.532   -10.296 1.884   1.00 17.37 ? 11 DC  B "C5'" 1 
ATOM   205 C  "C4'" . DC  B 2 5 ? 9.035   -9.229  2.833   1.00 17.74 ? 11 DC  B "C4'" 1 
ATOM   206 O  "O4'" . DC  B 2 5 ? 9.891   -8.064  2.709   1.00 21.36 ? 11 DC  B "O4'" 1 
ATOM   207 C  "C3'" . DC  B 2 5 ? 7.618   -8.783  2.508   1.00 22.40 ? 11 DC  B "C3'" 1 
ATOM   208 O  "O3'" . DC  B 2 5 ? 6.922   -8.455  3.710   1.00 21.39 ? 11 DC  B "O3'" 1 
ATOM   209 C  "C2'" . DC  B 2 5 ? 7.875   -7.561  1.625   1.00 22.44 ? 11 DC  B "C2'" 1 
ATOM   210 C  "C1'" . DC  B 2 5 ? 9.108   -6.964  2.310   1.00 24.65 ? 11 DC  B "C1'" 1 
ATOM   211 N  N1    . DC  B 2 5 ? 9.964   -6.029  1.497   1.00 22.77 ? 11 DC  B N1    1 
ATOM   212 C  C2    . DC  B 2 5 ? 9.816   -4.672  1.743   1.00 21.69 ? 11 DC  B C2    1 
ATOM   213 O  O2    . DC  B 2 5 ? 8.988   -4.348  2.605   1.00 20.41 ? 11 DC  B O2    1 
ATOM   214 N  N3    . DC  B 2 5 ? 10.570  -3.780  1.044   1.00 23.11 ? 11 DC  B N3    1 
ATOM   215 C  C4    . DC  B 2 5 ? 11.444  -4.198  0.124   1.00 20.40 ? 11 DC  B C4    1 
ATOM   216 N  N4    . DC  B 2 5 ? 12.159  -3.276  -0.539  1.00 16.94 ? 11 DC  B N4    1 
ATOM   217 C  C5    . DC  B 2 5 ? 11.613  -5.590  -0.142  1.00 20.61 ? 11 DC  B C5    1 
ATOM   218 C  C6    . DC  B 2 5 ? 10.865  -6.458  0.562   1.00 22.12 ? 11 DC  B C6    1 
ATOM   219 P  P     . DG  B 2 6 ? 5.956   -9.488  4.468   1.00 28.66 ? 12 DG  B P     1 
ATOM   220 O  OP1   . DG  B 2 6 ? 5.003   -10.076 3.501   1.00 28.47 ? 12 DG  B OP1   1 
ATOM   221 O  OP2   . DG  B 2 6 ? 5.414   -8.816  5.669   1.00 23.87 ? 12 DG  B OP2   1 
ATOM   222 O  "O5'" . DG  B 2 6 ? 6.959   -10.648 4.916   1.00 20.52 ? 12 DG  B "O5'" 1 
ATOM   223 C  "C5'" . DG  B 2 6 ? 7.834   -10.488 6.013   1.00 25.29 ? 12 DG  B "C5'" 1 
ATOM   224 C  "C4'" . DG  B 2 6 ? 8.585   -11.794 6.194   1.00 26.06 ? 12 DG  B "C4'" 1 
ATOM   225 O  "O4'" . DG  B 2 6 ? 9.577   -11.956 5.147   1.00 16.72 ? 12 DG  B "O4'" 1 
ATOM   226 C  "C3'" . DG  B 2 6 ? 9.321   -11.950 7.518   1.00 31.99 ? 12 DG  B "C3'" 1 
ATOM   227 O  "O3'" . DG  B 2 6 ? 9.086   -13.258 8.060   1.00 41.18 ? 12 DG  B "O3'" 1 
ATOM   228 C  "C2'" . DG  B 2 6 ? 10.792  -11.709 7.168   1.00 28.88 ? 12 DG  B "C2'" 1 
ATOM   229 C  "C1'" . DG  B 2 6 ? 10.889  -12.048 5.683   1.00 24.25 ? 12 DG  B "C1'" 1 
ATOM   230 N  N9    . DG  B 2 6 ? 11.767  -11.199 4.857   1.00 24.44 ? 12 DG  B N9    1 
ATOM   231 C  C8    . DG  B 2 6 ? 12.702  -11.669 3.970   1.00 29.80 ? 12 DG  B C8    1 
ATOM   232 N  N7    . DG  B 2 6 ? 13.357  -10.745 3.329   1.00 30.72 ? 12 DG  B N7    1 
ATOM   233 C  C5    . DG  B 2 6 ? 12.833  -9.558  3.800   1.00 27.41 ? 12 DG  B C5    1 
ATOM   234 C  C6    . DG  B 2 6 ? 13.176  -8.228  3.442   1.00 27.47 ? 12 DG  B C6    1 
ATOM   235 O  O6    . DG  B 2 6 ? 14.018  -7.837  2.626   1.00 28.97 ? 12 DG  B O6    1 
ATOM   236 N  N1    . DG  B 2 6 ? 12.429  -7.295  4.137   1.00 19.20 ? 12 DG  B N1    1 
ATOM   237 C  C2    . DG  B 2 6 ? 11.474  -7.646  5.056   1.00 23.83 ? 12 DG  B C2    1 
ATOM   238 N  N2    . DG  B 2 6 ? 10.840  -6.623  5.632   1.00 25.89 ? 12 DG  B N2    1 
ATOM   239 N  N3    . DG  B 2 6 ? 11.137  -8.888  5.402   1.00 23.71 ? 12 DG  B N3    1 
ATOM   240 C  C4    . DG  B 2 6 ? 11.855  -9.816  4.737   1.00 24.66 ? 12 DG  B C4    1 
ATOM   241 P  P     . DT  C 3 1 ? -18.661 3.020   4.567   0.83 43.38 ? 13 DT  D P     1 
ATOM   242 O  OP1   . DT  C 3 1 ? -19.794 3.071   5.521   0.83 32.48 ? 13 DT  D OP1   1 
ATOM   243 O  OP2   . DT  C 3 1 ? -17.718 1.878   4.550   0.83 27.25 ? 13 DT  D OP2   1 
ATOM   244 O  "O5'" . DT  C 3 1 ? -17.865 4.409   4.455   1.00 20.06 ? 13 DT  D "O5'" 1 
ATOM   245 C  "C5'" . DT  C 3 1 ? -17.339 4.960   5.656   1.00 20.55 ? 13 DT  D "C5'" 1 
ATOM   246 C  "C4'" . DT  C 3 1 ? -16.541 6.225   5.421   1.00 18.19 ? 13 DT  D "C4'" 1 
ATOM   247 O  "O4'" . DT  C 3 1 ? -15.308 5.822   4.772   1.00 17.88 ? 13 DT  D "O4'" 1 
ATOM   248 C  "C3'" . DT  C 3 1 ? -17.227 7.249   4.519   1.00 19.77 ? 13 DT  D "C3'" 1 
ATOM   249 O  "O3'" . DT  C 3 1 ? -16.991 8.590   4.904   1.00 22.88 ? 13 DT  D "O3'" 1 
ATOM   250 C  "C2'" . DT  C 3 1 ? -16.522 7.030   3.192   1.00 16.08 ? 13 DT  D "C2'" 1 
ATOM   251 C  "C1'" . DT  C 3 1 ? -15.120 6.650   3.641   1.00 18.39 ? 13 DT  D "C1'" 1 
ATOM   252 N  N1    . DT  C 3 1 ? -14.376 5.950   2.557   1.00 18.22 ? 13 DT  D N1    1 
ATOM   253 C  C2    . DT  C 3 1 ? -13.662 6.656   1.608   1.00 17.22 ? 13 DT  D C2    1 
ATOM   254 O  O2    . DT  C 3 1 ? -13.568 7.858   1.581   1.00 20.64 ? 13 DT  D O2    1 
ATOM   255 N  N3    . DT  C 3 1 ? -13.032 5.913   0.658   1.00 12.87 ? 13 DT  D N3    1 
ATOM   256 C  C4    . DT  C 3 1 ? -13.050 4.549   0.562   1.00 15.15 ? 13 DT  D C4    1 
ATOM   257 O  O4    . DT  C 3 1 ? -12.473 3.910   -0.299  1.00 28.20 ? 13 DT  D O4    1 
ATOM   258 C  C5    . DT  C 3 1 ? -13.809 3.870   1.560   1.00 18.04 ? 13 DT  D C5    1 
ATOM   259 C  C7    . DT  C 3 1 ? -13.827 2.377   1.551   0.17 19.72 ? 13 DT  D C7    1 
ATOM   260 C  C6    . DT  C 3 1 ? -14.439 4.584   2.491   1.00 21.45 ? 13 DT  D C6    1 
ATOM   261 P  P     . DG  C 3 2 ? -18.001 9.377   5.850   0.83 20.04 ? 14 DG  D P     1 
ATOM   262 O  OP1   . DG  C 3 2 ? -19.404 9.077   5.501   0.83 16.33 ? 14 DG  D OP1   1 
ATOM   263 O  OP2   . DG  C 3 2 ? -17.458 10.746  5.808   0.83 22.86 ? 14 DG  D OP2   1 
ATOM   264 O  "O5'" . DG  C 3 2 ? -17.787 8.718   7.285   1.00 17.94 ? 14 DG  D "O5'" 1 
ATOM   265 C  "C5'" . DG  C 3 2 ? -16.523 8.728   7.898   1.00 14.70 ? 14 DG  D "C5'" 1 
ATOM   266 C  "C4'" . DG  C 3 2 ? -16.561 7.956   9.202   1.00 14.29 ? 14 DG  D "C4'" 1 
ATOM   267 O  "O4'" . DG  C 3 2 ? -16.786 6.562   8.918   1.00 11.34 ? 14 DG  D "O4'" 1 
ATOM   268 C  "C3'" . DG  C 3 2 ? -15.274 8.018   10.003  1.00 13.93 ? 14 DG  D "C3'" 1 
ATOM   269 O  "O3'" . DG  C 3 2 ? -15.564 8.820   11.103  1.00 29.71 ? 14 DG  D "O3'" 1 
ATOM   270 C  "C2'" . DG  C 3 2 ? -15.053 6.627   10.565  1.00 14.92 ? 14 DG  D "C2'" 1 
ATOM   271 C  "C1'" . DG  C 3 2 ? -15.893 5.761   9.655   1.00 18.21 ? 14 DG  D "C1'" 1 
ATOM   272 N  N9    . DG  C 3 2 ? -15.082 5.003   8.723   1.00 17.65 ? 14 DG  D N9    1 
ATOM   273 C  C8    . DG  C 3 2 ? -15.069 3.640   8.721   1.00 20.23 ? 14 DG  D C8    1 
ATOM   274 N  N7    . DG  C 3 2 ? -14.294 3.130   7.824   1.00 25.48 ? 14 DG  D N7    1 
ATOM   275 C  C5    . DG  C 3 2 ? -13.750 4.232   7.201   1.00 19.81 ? 14 DG  D C5    1 
ATOM   276 C  C6    . DG  C 3 2 ? -12.843 4.246   6.138   1.00 21.80 ? 14 DG  D C6    1 
ATOM   277 O  O6    . DG  C 3 2 ? -12.352 3.263   5.574   1.00 25.53 ? 14 DG  D O6    1 
ATOM   278 N  N1    . DG  C 3 2 ? -12.519 5.540   5.760   1.00 13.71 ? 14 DG  D N1    1 
ATOM   279 C  C2    . DG  C 3 2 ? -13.024 6.676   6.333   1.00 23.98 ? 14 DG  D C2    1 
ATOM   280 N  N2    . DG  C 3 2 ? -12.581 7.824   5.803   1.00 13.44 ? 14 DG  D N2    1 
ATOM   281 N  N3    . DG  C 3 2 ? -13.895 6.673   7.339   1.00 23.16 ? 14 DG  D N3    1 
ATOM   282 C  C4    . DG  C 3 2 ? -14.217 5.411   7.724   1.00 19.78 ? 14 DG  D C4    1 
ATOM   283 P  P     . DT  D 3 1 ? -4.619  7.222   -0.304  0.83 34.00 ? 15 DT  E P     1 
ATOM   284 O  OP1   . DT  D 3 1 ? -4.114  7.872   0.930   0.83 23.33 ? 15 DT  E OP1   1 
ATOM   285 O  OP2   . DT  D 3 1 ? -3.930  7.430   -1.595  0.83 33.56 ? 15 DT  E OP2   1 
ATOM   286 O  "O5'" . DT  D 3 1 ? -6.220  7.330   -0.494  1.00 18.95 ? 15 DT  E "O5'" 1 
ATOM   287 C  "C5'" . DT  D 3 1 ? -6.881  8.473   -1.081  1.00 21.58 ? 15 DT  E "C5'" 1 
ATOM   288 C  "C4'" . DT  D 3 1 ? -7.891  9.177   -0.176  1.00 10.37 ? 15 DT  E "C4'" 1 
ATOM   289 O  "O4'" . DT  D 3 1 ? -9.004  8.307   0.159   1.00 19.04 ? 15 DT  E "O4'" 1 
ATOM   290 C  "C3'" . DT  D 3 1 ? -7.331  9.694   1.143   1.00 16.40 ? 15 DT  E "C3'" 1 
ATOM   291 O  "O3'" . DT  D 3 1 ? -7.941  10.925  1.451   1.00 19.78 ? 15 DT  E "O3'" 1 
ATOM   292 C  "C2'" . DT  D 3 1 ? -7.789  8.631   2.130   1.00 12.57 ? 15 DT  E "C2'" 1 
ATOM   293 C  "C1'" . DT  D 3 1 ? -9.161  8.288   1.561   1.00 10.35 ? 15 DT  E "C1'" 1 
ATOM   294 N  N1    . DT  D 3 1 ? -9.621  6.958   1.963   1.00 10.80 ? 15 DT  E N1    1 
ATOM   295 C  C2    . DT  D 3 1 ? -10.392 6.844   3.092   1.00 14.24 ? 15 DT  E C2    1 
ATOM   296 O  O2    . DT  D 3 1 ? -10.735 7.773   3.788   1.00 19.74 ? 15 DT  E O2    1 
ATOM   297 N  N3    . DT  D 3 1 ? -10.782 5.585   3.392   1.00 16.94 ? 15 DT  E N3    1 
ATOM   298 C  C4    . DT  D 3 1 ? -10.462 4.453   2.695   1.00 19.57 ? 15 DT  E C4    1 
ATOM   299 O  O4    . DT  D 3 1 ? -10.872 3.377   3.084   1.00 21.57 ? 15 DT  E O4    1 
ATOM   300 C  C5    . DT  D 3 1 ? -9.649  4.633   1.518   1.00 15.80 ? 15 DT  E C5    1 
ATOM   301 C  C7    . DT  D 3 1 ? -9.143  3.465   0.734   0.17 11.88 ? 15 DT  E C7    1 
ATOM   302 C  C6    . DT  D 3 1 ? -9.268  5.869   1.209   1.00 14.13 ? 15 DT  E C6    1 
ATOM   303 P  P     . DG  D 3 2 ? -7.190  12.312  1.227   0.83 15.80 ? 16 DG  E P     1 
ATOM   304 O  OP1   . DG  D 3 2 ? -5.763  12.190  1.575   0.83 10.74 ? 16 DG  E OP1   1 
ATOM   305 O  OP2   . DG  D 3 2 ? -8.045  13.335  1.862   0.83 17.15 ? 16 DG  E OP2   1 
ATOM   306 O  "O5'" . DG  D 3 2 ? -7.266  12.470  -0.353  1.00 23.80 ? 16 DG  E "O5'" 1 
ATOM   307 C  "C5'" . DG  D 3 2 ? -8.530  12.517  -0.929  1.00 16.95 ? 16 DG  E "C5'" 1 
ATOM   308 C  "C4'" . DG  D 3 2 ? -8.433  12.616  -2.420  1.00 23.41 ? 16 DG  E "C4'" 1 
ATOM   309 O  "O4'" . DG  D 3 2 ? -8.050  11.320  -2.932  1.00 25.55 ? 16 DG  E "O4'" 1 
ATOM   310 C  "C3'" . DG  D 3 2 ? -9.823  12.918  -2.935  1.00 24.08 ? 16 DG  E "C3'" 1 
ATOM   311 O  "O3'" . DG  D 3 2 ? -9.834  14.154  -3.597  1.00 33.44 ? 16 DG  E "O3'" 1 
ATOM   312 C  "C2'" . DG  D 3 2 ? -10.129 11.863  -3.973  1.00 25.22 ? 16 DG  E "C2'" 1 
ATOM   313 C  "C1'" . DG  D 3 2 ? -8.925  10.939  -3.972  1.00 20.59 ? 16 DG  E "C1'" 1 
ATOM   314 N  N9    . DG  D 3 2 ? -9.293  9.564   -3.688  1.00 21.34 ? 16 DG  E N9    1 
ATOM   315 C  C8    . DG  D 3 2 ? -8.823  8.453   -4.333  1.00 15.71 ? 16 DG  E C8    1 
ATOM   316 N  N7    . DG  D 3 2 ? -9.318  7.345   -3.862  1.00 14.05 ? 16 DG  E N7    1 
ATOM   317 C  C5    . DG  D 3 2 ? -10.157 7.741   -2.837  1.00 15.53 ? 16 DG  E C5    1 
ATOM   318 C  C6    . DG  D 3 2 ? -10.943 6.945   -1.983  1.00 23.38 ? 16 DG  E C6    1 
ATOM   319 O  O6    . DG  D 3 2 ? -11.017 5.708   -2.016  1.00 24.82 ? 16 DG  E O6    1 
ATOM   320 N  N1    . DG  D 3 2 ? -11.666 7.721   -1.073  1.00 13.08 ? 16 DG  E N1    1 
ATOM   321 C  C2    . DG  D 3 2 ? -11.596 9.098   -1.028  1.00 17.61 ? 16 DG  E C2    1 
ATOM   322 N  N2    . DG  D 3 2 ? -12.329 9.717   -0.096  0.83 19.20 ? 16 DG  E N2    1 
ATOM   323 N  N3    . DG  D 3 2 ? -10.851 9.848   -1.829  1.00 15.65 ? 16 DG  E N3    1 
ATOM   324 C  C4    . DG  D 3 2 ? -10.153 9.106   -2.711  1.00 13.07 ? 16 DG  E C4    1 
HETATM 325 CO CO    . NCO E 4 . ? -9.193  3.020   -4.003  0.33 30.81 ? 21 NCO E CO    1 
HETATM 326 N  N1    . NCO E 4 . ? -8.943  4.176   -5.549  0.33 30.24 ? 21 NCO E N1    1 
HETATM 327 N  N2    . NCO E 4 . ? -9.815  1.951   -5.462  0.33 34.66 ? 21 NCO E N2    1 
HETATM 328 N  N3    . NCO E 4 . ? -10.774 4.091   -3.787  0.33 31.37 ? 21 NCO E N3    1 
HETATM 329 N  N4    . NCO E 4 . ? -8.756  4.355   -2.664  0.33 29.91 ? 21 NCO E N4    1 
HETATM 330 N  N5    . NCO E 4 . ? -7.315  3.241   -4.261  0.33 31.58 ? 21 NCO E N5    1 
HETATM 331 N  N6    . NCO E 4 . ? -10.864 2.364   -3.300  0.33 33.18 ? 21 NCO E N6    1 
HETATM 332 O  O     . HOH F 5 . ? 5.717   0.960   8.983   1.00 38.69 ? 17 HOH A O     1 
HETATM 333 O  O     . HOH F 5 . ? 1.947   -7.230  6.841   1.00 36.07 ? 27 HOH A O     1 
HETATM 334 O  O     . HOH F 5 . ? 2.746   -5.944  3.731   1.00 35.64 ? 30 HOH A O     1 
HETATM 335 O  O     . HOH F 5 . ? 15.471  2.129   6.567   1.00 25.72 ? 34 HOH A O     1 
HETATM 336 O  O     . HOH G 5 . ? 2.082   5.616   -4.354  1.00 30.35 ? 24 HOH B O     1 
HETATM 337 O  O     . HOH G 5 . ? 4.482   -11.216 -2.610  1.00 36.52 ? 26 HOH B O     1 
HETATM 338 O  O     . HOH G 5 . ? 2.244   -4.161  -7.094  1.00 48.11 ? 28 HOH B O     1 
HETATM 339 O  O     . HOH G 5 . ? 2.437   -6.032  -2.229  1.00 37.89 ? 29 HOH B O     1 
HETATM 340 O  O     . HOH G 5 . ? -0.369  2.999   -12.162 1.00 33.36 ? 31 HOH B O     1 
HETATM 341 O  O     . HOH G 5 . ? 6.444   -5.332  4.649   1.00 46.09 ? 33 HOH B O     1 
HETATM 342 O  O     . HOH G 5 . ? 10.449  -1.889  -8.236  1.00 67.48 ? 36 HOH B O     1 
HETATM 343 O  O     . HOH H 5 . ? -20.805 8.738   3.496   1.00 27.88 ? 18 HOH D O     1 
HETATM 344 O  O     . HOH H 5 . ? -18.865 5.701   8.521   1.00 36.58 ? 20 HOH D O     1 
HETATM 345 O  O     . HOH H 5 . ? -21.338 6.826   6.641   1.00 53.66 ? 22 HOH D O     1 
HETATM 346 O  O     . HOH H 5 . ? -13.701 10.869  6.460   1.00 23.69 ? 23 HOH D O     1 
HETATM 347 O  O     . HOH H 5 . ? -12.188 0.990   -0.445  1.00 28.01 ? 32 HOH D O     1 
HETATM 348 O  O     . HOH I 5 . ? -3.580  10.915  0.910   1.00 23.20 ? 19 HOH E O     1 
HETATM 349 O  O     . HOH I 5 . ? -6.626  13.907  4.657   1.00 21.41 ? 37 HOH E O     1 
# 
